data_2HDJ
#
_entry.id   2HDJ
#
_cell.length_a   143.840
_cell.length_b   143.840
_cell.length_c   204.250
_cell.angle_alpha   90.00
_cell.angle_beta   90.00
_cell.angle_gamma   120.00
#
_symmetry.space_group_name_H-M   'H 3 2'
#
loop_
_entity.id
_entity.type
_entity.pdbx_description
1 polymer 'Aldo-keto reductase family 1 member C2'
2 non-polymer 'SULFATE ION'
3 non-polymer 'NADPH DIHYDRO-NICOTINAMIDE-ADENINE-DINUCLEOTIDE PHOSPHATE'
4 non-polymer 1,2-ETHANEDIOL
5 water water
#
_entity_poly.entity_id   1
_entity_poly.type   'polypeptide(L)'
_entity_poly.pdbx_seq_one_letter_code
;MDSKYQCVKLNDGHFMPVLGFGTYAPAEVPKSKALEAVKLAIEAGFHHIDSAHVYNNEEQVGLAIRSKIADGSVKREDIF
YTSKLWSNSHRPELVRPALERSLKNLQLDYVDLYLIHFPVSVKPGEEVIPKDENGKILFDTVDLCATWEAMEKCKDAGLA
KSIGVSNFNHRLLEMILNKPGLKYKPVCNQVECHPYFNQRKLLDFCKSKDIVLVAYSALGSHREEPWVDPNSPVLLEDPV
LCALAKKHKRTPALIALRYQLQRGVVVLAKSYNEQRIRQNVQVFEFQLTSEEMKAIDGLNRNVRYLTLDIFAGPPNYPFS
DEY
;
_entity_poly.pdbx_strand_id   A,B
#
loop_
_chem_comp.id
_chem_comp.type
_chem_comp.name
_chem_comp.formula
EDO non-polymer 1,2-ETHANEDIOL 'C2 H6 O2'
NDP non-polymer 'NADPH DIHYDRO-NICOTINAMIDE-ADENINE-DINUCLEOTIDE PHOSPHATE' 'C21 H30 N7 O17 P3'
SO4 non-polymer 'SULFATE ION' 'O4 S -2'
#
# COMPACT_ATOMS: atom_id res chain seq x y z
N ASP A 2 8.30 -12.41 -7.62
CA ASP A 2 8.75 -11.23 -8.41
C ASP A 2 9.72 -10.39 -7.57
N SER A 3 10.35 -9.41 -8.19
CA SER A 3 11.32 -8.55 -7.50
C SER A 3 10.68 -7.42 -6.69
N LYS A 4 9.41 -7.16 -6.95
CA LYS A 4 8.69 -6.11 -6.22
C LYS A 4 7.55 -6.69 -5.39
N TYR A 5 7.08 -5.92 -4.42
CA TYR A 5 6.00 -6.34 -3.55
C TYR A 5 5.49 -5.17 -2.72
N GLN A 6 4.29 -5.31 -2.17
CA GLN A 6 3.68 -4.24 -1.40
C GLN A 6 4.29 -4.00 -0.01
N CYS A 7 4.74 -2.76 0.21
CA CYS A 7 5.36 -2.33 1.47
C CYS A 7 4.86 -0.94 1.86
N VAL A 8 5.02 -0.59 3.13
CA VAL A 8 4.63 0.73 3.62
C VAL A 8 5.85 1.37 4.27
N LYS A 9 5.95 2.70 4.17
CA LYS A 9 7.07 3.44 4.72
C LYS A 9 6.87 3.69 6.21
N LEU A 10 7.81 3.22 7.03
CA LEU A 10 7.74 3.40 8.48
C LEU A 10 8.21 4.82 8.83
N ASN A 11 7.87 5.30 10.03
CA ASN A 11 8.24 6.65 10.44
C ASN A 11 9.73 6.90 10.59
N ASP A 12 10.56 5.88 10.34
CA ASP A 12 12.00 6.05 10.43
C ASP A 12 12.62 5.89 9.04
N GLY A 13 11.78 5.89 8.01
CA GLY A 13 12.28 5.76 6.66
C GLY A 13 12.40 4.36 6.08
N HIS A 14 12.33 3.34 6.93
CA HIS A 14 12.43 1.97 6.43
C HIS A 14 11.09 1.49 5.88
N PHE A 15 11.13 0.42 5.10
CA PHE A 15 9.90 -0.11 4.51
C PHE A 15 9.56 -1.49 5.05
N MET A 16 8.27 -1.68 5.34
CA MET A 16 7.77 -2.95 5.87
C MET A 16 6.78 -3.62 4.92
N PRO A 17 7.03 -4.89 4.54
CA PRO A 17 6.09 -5.56 3.65
C PRO A 17 4.76 -5.63 4.40
N VAL A 18 3.64 -5.37 3.72
CA VAL A 18 2.34 -5.35 4.39
C VAL A 18 1.74 -6.70 4.77
N LEU A 19 2.33 -7.78 4.30
CA LEU A 19 1.87 -9.13 4.63
C LEU A 19 3.04 -9.85 5.26
N GLY A 20 2.86 -10.28 6.50
CA GLY A 20 3.91 -10.99 7.21
C GLY A 20 3.52 -12.42 7.54
N PHE A 21 4.53 -13.26 7.71
CA PHE A 21 4.30 -14.66 8.03
C PHE A 21 4.59 -14.85 9.52
N GLY A 22 3.59 -15.38 10.24
CA GLY A 22 3.77 -15.62 11.66
C GLY A 22 4.38 -17.00 11.85
N THR A 23 5.25 -17.16 12.84
CA THR A 23 5.90 -18.45 13.05
C THR A 23 5.58 -19.15 14.36
N TYR A 24 4.78 -18.52 15.22
CA TYR A 24 4.45 -19.17 16.47
C TYR A 24 3.60 -20.42 16.25
N ALA A 25 3.94 -21.49 16.98
CA ALA A 25 3.20 -22.75 16.89
C ALA A 25 3.18 -23.36 18.29
N PRO A 26 2.02 -23.89 18.71
CA PRO A 26 1.86 -24.52 20.03
C PRO A 26 2.97 -25.51 20.36
N ALA A 27 3.28 -25.63 21.64
CA ALA A 27 4.32 -26.53 22.12
C ALA A 27 4.30 -27.92 21.49
N GLU A 28 3.12 -28.53 21.43
CA GLU A 28 2.99 -29.87 20.87
C GLU A 28 3.60 -29.99 19.47
N VAL A 29 3.72 -28.87 18.76
CA VAL A 29 4.26 -28.87 17.41
C VAL A 29 5.79 -28.85 17.39
N PRO A 30 6.41 -29.83 16.72
CA PRO A 30 7.87 -29.93 16.62
C PRO A 30 8.44 -28.66 15.99
N LYS A 31 9.57 -28.20 16.50
CA LYS A 31 10.21 -26.99 15.99
C LYS A 31 10.64 -27.15 14.53
N SER A 32 10.91 -28.39 14.13
CA SER A 32 11.33 -28.67 12.77
C SER A 32 10.32 -28.11 11.76
N LYS A 33 9.05 -28.08 12.15
CA LYS A 33 8.00 -27.58 11.28
C LYS A 33 8.20 -26.09 10.96
N ALA A 34 8.78 -25.35 11.89
CA ALA A 34 9.02 -23.92 11.67
C ALA A 34 9.97 -23.75 10.50
N LEU A 35 10.98 -24.60 10.42
CA LEU A 35 11.96 -24.55 9.35
C LEU A 35 11.29 -24.74 7.99
N GLU A 36 10.50 -25.80 7.85
CA GLU A 36 9.84 -26.07 6.59
C GLU A 36 8.82 -24.98 6.24
N ALA A 37 8.04 -24.56 7.22
CA ALA A 37 7.03 -23.53 7.00
C ALA A 37 7.60 -22.20 6.48
N VAL A 38 8.67 -21.71 7.10
CA VAL A 38 9.23 -20.44 6.64
C VAL A 38 9.79 -20.54 5.21
N LYS A 39 10.41 -21.66 4.87
CA LYS A 39 10.94 -21.80 3.52
C LYS A 39 9.81 -21.76 2.49
N LEU A 40 8.68 -22.36 2.83
CA LEU A 40 7.53 -22.36 1.94
C LEU A 40 6.94 -20.96 1.83
N ALA A 41 6.90 -20.24 2.96
CA ALA A 41 6.37 -18.89 2.97
C ALA A 41 7.18 -17.99 2.03
N ILE A 42 8.50 -18.10 2.10
CA ILE A 42 9.36 -17.29 1.24
C ILE A 42 9.15 -17.71 -0.21
N GLU A 43 9.03 -19.02 -0.43
CA GLU A 43 8.81 -19.56 -1.77
C GLU A 43 7.48 -19.03 -2.33
N ALA A 44 6.47 -18.92 -1.45
CA ALA A 44 5.15 -18.45 -1.86
C ALA A 44 5.10 -16.95 -2.10
N GLY A 45 6.08 -16.21 -1.60
CA GLY A 45 6.09 -14.78 -1.81
C GLY A 45 6.07 -13.90 -0.56
N PHE A 46 6.13 -14.50 0.62
CA PHE A 46 6.16 -13.72 1.85
C PHE A 46 7.56 -13.07 1.92
N HIS A 47 7.60 -11.79 2.27
CA HIS A 47 8.87 -11.08 2.38
C HIS A 47 9.06 -10.54 3.78
N HIS A 48 8.07 -10.83 4.63
CA HIS A 48 8.06 -10.37 6.03
C HIS A 48 7.86 -11.61 6.90
N ILE A 49 8.83 -11.88 7.76
N ILE A 49 8.84 -11.87 7.77
CA ILE A 49 8.79 -13.03 8.65
CA ILE A 49 8.80 -13.03 8.66
C ILE A 49 8.82 -12.53 10.10
C ILE A 49 8.81 -12.53 10.11
N ASP A 50 7.84 -12.97 10.90
CA ASP A 50 7.75 -12.54 12.29
C ASP A 50 8.00 -13.62 13.34
N SER A 51 9.00 -13.39 14.19
CA SER A 51 9.29 -14.34 15.24
C SER A 51 9.56 -13.63 16.56
N ALA A 52 10.14 -14.36 17.51
CA ALA A 52 10.44 -13.82 18.83
C ALA A 52 11.28 -14.82 19.63
N HIS A 53 12.08 -14.31 20.55
CA HIS A 53 12.91 -15.20 21.38
C HIS A 53 12.04 -16.20 22.14
N VAL A 54 10.90 -15.71 22.64
CA VAL A 54 10.01 -16.54 23.43
C VAL A 54 9.36 -17.70 22.66
N TYR A 55 9.35 -17.63 21.33
CA TYR A 55 8.77 -18.71 20.52
C TYR A 55 9.70 -19.92 20.46
N ASN A 56 10.95 -19.73 20.86
CA ASN A 56 11.93 -20.82 20.88
C ASN A 56 12.01 -21.55 19.52
N ASN A 57 12.09 -20.77 18.44
CA ASN A 57 12.18 -21.34 17.10
C ASN A 57 13.15 -20.57 16.19
N GLU A 58 13.79 -19.54 16.74
CA GLU A 58 14.70 -18.72 15.96
C GLU A 58 15.84 -19.48 15.30
N GLU A 59 16.27 -20.58 15.89
CA GLU A 59 17.33 -21.37 15.27
C GLU A 59 16.78 -21.90 13.95
N GLN A 60 15.57 -22.45 14.01
CA GLN A 60 14.88 -23.00 12.85
C GLN A 60 14.50 -21.92 11.83
N VAL A 61 13.92 -20.83 12.32
CA VAL A 61 13.50 -19.74 11.44
C VAL A 61 14.71 -19.10 10.77
N GLY A 62 15.81 -18.98 11.52
CA GLY A 62 17.02 -18.40 10.98
C GLY A 62 17.59 -19.24 9.86
N LEU A 63 17.59 -20.56 10.07
CA LEU A 63 18.09 -21.51 9.08
C LEU A 63 17.32 -21.39 7.77
N ALA A 64 16.00 -21.29 7.88
CA ALA A 64 15.13 -21.17 6.72
C ALA A 64 15.54 -19.96 5.90
N ILE A 65 15.72 -18.83 6.58
CA ILE A 65 16.12 -17.60 5.91
C ILE A 65 17.51 -17.76 5.29
N ARG A 66 18.47 -18.24 6.08
N ARG A 66 18.46 -18.23 6.08
CA ARG A 66 19.83 -18.43 5.60
CA ARG A 66 19.82 -18.43 5.59
C ARG A 66 19.86 -19.36 4.39
C ARG A 66 19.85 -19.35 4.37
N SER A 67 18.99 -20.36 4.39
CA SER A 67 18.91 -21.33 3.30
C SER A 67 18.39 -20.73 2.00
N LYS A 68 17.34 -19.93 2.09
CA LYS A 68 16.74 -19.30 0.92
C LYS A 68 17.62 -18.19 0.35
N ILE A 69 18.53 -17.68 1.17
CA ILE A 69 19.43 -16.65 0.71
C ILE A 69 20.61 -17.36 0.03
N ALA A 70 21.13 -18.39 0.70
CA ALA A 70 22.26 -19.14 0.17
C ALA A 70 21.98 -19.85 -1.15
N ASP A 71 20.73 -20.24 -1.41
CA ASP A 71 20.47 -20.91 -2.68
C ASP A 71 20.00 -19.99 -3.79
N GLY A 72 20.04 -18.68 -3.52
CA GLY A 72 19.67 -17.69 -4.51
C GLY A 72 18.20 -17.34 -4.65
N SER A 73 17.35 -17.96 -3.83
CA SER A 73 15.92 -17.68 -3.91
C SER A 73 15.59 -16.23 -3.59
N VAL A 74 16.30 -15.67 -2.61
CA VAL A 74 16.04 -14.30 -2.22
C VAL A 74 17.28 -13.64 -1.65
N LYS A 75 17.29 -12.30 -1.63
CA LYS A 75 18.42 -11.58 -1.08
C LYS A 75 18.05 -11.12 0.34
N ARG A 76 19.04 -10.96 1.20
CA ARG A 76 18.78 -10.53 2.58
C ARG A 76 17.97 -9.25 2.65
N GLU A 77 18.23 -8.30 1.75
CA GLU A 77 17.50 -7.05 1.77
C GLU A 77 16.03 -7.19 1.36
N ASP A 78 15.65 -8.37 0.86
CA ASP A 78 14.27 -8.59 0.46
C ASP A 78 13.52 -9.48 1.45
N ILE A 79 14.08 -9.57 2.64
CA ILE A 79 13.49 -10.32 3.74
C ILE A 79 13.42 -9.33 4.89
N PHE A 80 12.23 -9.15 5.45
CA PHE A 80 12.04 -8.25 6.56
C PHE A 80 11.80 -9.15 7.77
N TYR A 81 12.84 -9.35 8.58
CA TYR A 81 12.73 -10.21 9.74
C TYR A 81 12.53 -9.44 11.04
N THR A 82 11.58 -9.92 11.85
CA THR A 82 11.24 -9.30 13.12
C THR A 82 11.46 -10.25 14.30
N SER A 83 12.07 -9.72 15.36
CA SER A 83 12.27 -10.50 16.57
C SER A 83 11.69 -9.64 17.68
N LYS A 84 11.58 -10.19 18.88
CA LYS A 84 11.04 -9.43 19.99
C LYS A 84 11.81 -9.68 21.28
N LEU A 85 11.96 -8.61 22.06
CA LEU A 85 12.66 -8.67 23.34
C LEU A 85 11.71 -9.25 24.38
N TRP A 86 12.02 -10.41 24.93
CA TRP A 86 11.14 -10.98 25.93
C TRP A 86 11.26 -10.22 27.26
N SER A 87 10.22 -10.34 28.07
CA SER A 87 10.14 -9.65 29.35
C SER A 87 11.18 -9.92 30.42
N ASN A 88 11.98 -10.98 30.27
CA ASN A 88 13.01 -11.26 31.27
C ASN A 88 14.27 -10.44 30.96
N SER A 89 14.20 -9.63 29.90
CA SER A 89 15.33 -8.79 29.53
C SER A 89 14.97 -7.32 29.34
N HIS A 90 13.97 -6.85 30.08
CA HIS A 90 13.56 -5.45 29.98
C HIS A 90 14.58 -4.49 30.60
N ARG A 91 15.40 -4.97 31.51
CA ARG A 91 16.40 -4.10 32.13
C ARG A 91 17.35 -3.60 31.04
N PRO A 92 17.57 -2.27 31.01
CA PRO A 92 18.44 -1.61 30.03
C PRO A 92 19.68 -2.38 29.60
N GLU A 93 20.51 -2.76 30.58
CA GLU A 93 21.75 -3.47 30.30
C GLU A 93 21.58 -4.87 29.74
N LEU A 94 20.34 -5.39 29.76
CA LEU A 94 20.11 -6.74 29.25
C LEU A 94 19.47 -6.76 27.86
N VAL A 95 19.09 -5.58 27.35
CA VAL A 95 18.43 -5.49 26.05
C VAL A 95 19.33 -5.87 24.87
N ARG A 96 20.52 -5.29 24.78
CA ARG A 96 21.43 -5.61 23.69
C ARG A 96 21.87 -7.07 23.73
N PRO A 97 22.17 -7.59 24.94
CA PRO A 97 22.59 -8.99 25.06
C PRO A 97 21.50 -9.94 24.57
N ALA A 98 20.25 -9.54 24.75
CA ALA A 98 19.12 -10.36 24.31
C ALA A 98 19.04 -10.35 22.78
N LEU A 99 19.22 -9.18 22.19
CA LEU A 99 19.18 -9.07 20.74
C LEU A 99 20.34 -9.85 20.13
N GLU A 100 21.51 -9.73 20.75
CA GLU A 100 22.68 -10.44 20.26
C GLU A 100 22.54 -11.94 20.40
N ARG A 101 21.80 -12.38 21.43
CA ARG A 101 21.60 -13.81 21.62
C ARG A 101 20.68 -14.32 20.50
N SER A 102 19.61 -13.58 20.22
CA SER A 102 18.70 -13.95 19.15
C SER A 102 19.44 -14.00 17.82
N LEU A 103 20.29 -13.00 17.56
CA LEU A 103 21.05 -12.95 16.31
C LEU A 103 21.98 -14.16 16.19
N LYS A 104 22.53 -14.61 17.32
CA LYS A 104 23.42 -15.76 17.31
C LYS A 104 22.62 -17.01 16.95
N ASN A 105 21.42 -17.12 17.51
CA ASN A 105 20.56 -18.27 17.24
C ASN A 105 20.12 -18.28 15.77
N LEU A 106 19.85 -17.09 15.23
CA LEU A 106 19.41 -16.94 13.85
C LEU A 106 20.57 -17.01 12.85
N GLN A 107 21.75 -16.63 13.31
CA GLN A 107 22.94 -16.56 12.47
C GLN A 107 22.72 -15.52 11.39
N LEU A 108 22.15 -14.39 11.82
CA LEU A 108 21.89 -13.25 10.97
C LEU A 108 22.70 -12.11 11.56
N ASP A 109 23.02 -11.10 10.75
CA ASP A 109 23.80 -9.97 11.25
C ASP A 109 22.93 -8.92 11.93
N TYR A 110 21.70 -8.80 11.46
CA TYR A 110 20.79 -7.83 12.04
C TYR A 110 19.35 -8.28 11.87
N VAL A 111 18.44 -7.63 12.59
CA VAL A 111 17.02 -7.92 12.47
C VAL A 111 16.45 -6.64 11.87
N ASP A 112 15.43 -6.77 11.02
CA ASP A 112 14.84 -5.59 10.42
C ASP A 112 13.96 -4.85 11.41
N LEU A 113 13.50 -5.57 12.42
CA LEU A 113 12.63 -4.98 13.42
C LEU A 113 12.77 -5.70 14.76
N TYR A 114 12.91 -4.93 15.84
CA TYR A 114 13.01 -5.48 17.18
C TYR A 114 11.93 -4.82 18.03
N LEU A 115 11.08 -5.62 18.66
CA LEU A 115 9.99 -5.09 19.46
C LEU A 115 10.06 -5.46 20.94
N ILE A 116 9.49 -4.59 21.78
CA ILE A 116 9.40 -4.90 23.20
C ILE A 116 8.16 -5.78 23.11
N HIS A 117 8.32 -7.07 23.40
CA HIS A 117 7.23 -8.04 23.27
C HIS A 117 5.98 -7.81 24.12
N PHE A 118 6.16 -7.56 25.41
CA PHE A 118 5.04 -7.33 26.32
C PHE A 118 5.49 -6.34 27.38
N PRO A 119 4.63 -5.38 27.73
CA PRO A 119 4.95 -4.35 28.73
C PRO A 119 5.19 -4.77 30.19
N VAL A 120 4.80 -5.98 30.56
CA VAL A 120 5.01 -6.44 31.95
C VAL A 120 6.34 -7.16 32.06
N SER A 121 7.19 -6.70 32.97
CA SER A 121 8.52 -7.29 33.16
C SER A 121 8.56 -8.43 34.18
N VAL A 122 9.52 -9.34 33.98
CA VAL A 122 9.74 -10.47 34.87
C VAL A 122 11.24 -10.55 35.17
N LYS A 123 11.60 -11.20 36.27
CA LYS A 123 12.99 -11.33 36.69
C LYS A 123 13.94 -11.94 35.66
N PRO A 124 15.18 -11.41 35.59
CA PRO A 124 16.23 -11.84 34.66
C PRO A 124 16.60 -13.31 34.86
N GLY A 125 17.12 -13.92 33.79
CA GLY A 125 17.50 -15.31 33.85
C GLY A 125 17.09 -16.02 32.57
N GLU A 126 17.52 -17.26 32.41
CA GLU A 126 17.18 -18.02 31.21
C GLU A 126 15.69 -18.32 31.11
N GLU A 127 15.04 -18.56 32.23
CA GLU A 127 13.60 -18.88 32.22
C GLU A 127 12.77 -17.70 31.71
N VAL A 128 11.96 -17.94 30.68
CA VAL A 128 11.10 -16.91 30.11
C VAL A 128 9.95 -16.53 31.04
N ILE A 129 9.42 -17.51 31.78
CA ILE A 129 8.36 -17.25 32.73
C ILE A 129 8.83 -17.78 34.10
N PRO A 130 9.73 -17.03 34.76
CA PRO A 130 10.27 -17.42 36.07
C PRO A 130 9.20 -17.42 37.16
N LYS A 131 9.23 -18.47 37.98
CA LYS A 131 8.27 -18.61 39.08
C LYS A 131 9.01 -18.98 40.36
N ASP A 132 8.49 -18.55 41.50
CA ASP A 132 9.13 -18.91 42.76
C ASP A 132 8.69 -20.33 43.13
N GLU A 133 9.07 -20.80 44.30
CA GLU A 133 8.74 -22.16 44.71
C GLU A 133 7.26 -22.45 44.89
N ASN A 134 6.45 -21.41 45.01
CA ASN A 134 5.01 -21.57 45.19
C ASN A 134 4.23 -21.28 43.90
N GLY A 135 4.94 -21.29 42.77
CA GLY A 135 4.31 -21.07 41.48
C GLY A 135 3.96 -19.65 41.10
N LYS A 136 4.37 -18.68 41.92
CA LYS A 136 4.07 -17.28 41.61
C LYS A 136 5.05 -16.74 40.59
N ILE A 137 4.53 -16.08 39.55
CA ILE A 137 5.40 -15.49 38.55
C ILE A 137 6.23 -14.43 39.25
N LEU A 138 7.52 -14.39 38.94
CA LEU A 138 8.42 -13.42 39.56
C LEU A 138 8.48 -12.13 38.76
N PHE A 139 7.56 -11.22 39.05
CA PHE A 139 7.49 -9.93 38.37
C PHE A 139 8.67 -9.06 38.75
N ASP A 140 9.05 -8.18 37.83
CA ASP A 140 10.17 -7.28 38.05
C ASP A 140 9.71 -5.85 37.82
N THR A 141 10.35 -4.90 38.48
CA THR A 141 9.99 -3.49 38.33
C THR A 141 11.06 -2.84 37.44
N VAL A 142 10.65 -2.44 36.25
CA VAL A 142 11.57 -1.81 35.29
C VAL A 142 10.90 -0.63 34.58
N ASP A 143 11.66 0.44 34.40
CA ASP A 143 11.16 1.62 33.72
C ASP A 143 11.28 1.39 32.20
N LEU A 144 10.15 1.17 31.54
CA LEU A 144 10.15 0.91 30.10
C LEU A 144 10.80 2.02 29.28
N CYS A 145 10.82 3.24 29.82
CA CYS A 145 11.44 4.35 29.10
C CYS A 145 12.94 4.11 29.03
N ALA A 146 13.46 3.41 30.04
CA ALA A 146 14.87 3.08 30.08
C ALA A 146 15.09 1.89 29.16
N THR A 147 14.08 1.02 29.07
CA THR A 147 14.17 -0.14 28.20
C THR A 147 14.22 0.39 26.75
N TRP A 148 13.41 1.39 26.47
CA TRP A 148 13.36 1.97 25.13
C TRP A 148 14.69 2.64 24.74
N GLU A 149 15.31 3.35 25.67
CA GLU A 149 16.57 4.00 25.35
C GLU A 149 17.57 2.93 24.91
N ALA A 150 17.52 1.78 25.56
CA ALA A 150 18.40 0.67 25.22
C ALA A 150 18.04 0.13 23.84
N MET A 151 16.76 0.20 23.49
CA MET A 151 16.29 -0.27 22.19
C MET A 151 16.84 0.71 21.14
N GLU A 152 16.77 2.01 21.43
CA GLU A 152 17.28 3.03 20.51
C GLU A 152 18.76 2.81 20.24
N LYS A 153 19.52 2.46 21.27
CA LYS A 153 20.95 2.21 21.12
C LYS A 153 21.19 1.01 20.23
N CYS A 154 20.28 0.05 20.26
CA CYS A 154 20.41 -1.12 19.41
C CYS A 154 20.23 -0.69 17.95
N LYS A 155 19.33 0.25 17.71
CA LYS A 155 19.10 0.74 16.35
C LYS A 155 20.35 1.48 15.88
N ASP A 156 20.88 2.36 16.73
CA ASP A 156 22.08 3.11 16.38
C ASP A 156 23.27 2.18 16.14
N ALA A 157 23.26 1.00 16.75
CA ALA A 157 24.35 0.05 16.59
C ALA A 157 24.23 -0.74 15.28
N GLY A 158 23.09 -0.60 14.62
CA GLY A 158 22.86 -1.31 13.37
C GLY A 158 22.34 -2.74 13.57
N LEU A 159 22.17 -3.15 14.83
CA LEU A 159 21.69 -4.50 15.12
C LEU A 159 20.22 -4.67 14.78
N ALA A 160 19.48 -3.57 14.83
CA ALA A 160 18.06 -3.54 14.50
C ALA A 160 17.84 -2.32 13.62
N LYS A 161 17.28 -2.53 12.43
CA LYS A 161 17.04 -1.43 11.51
C LYS A 161 15.97 -0.49 12.04
N SER A 162 14.89 -1.07 12.57
CA SER A 162 13.79 -0.30 13.13
C SER A 162 13.40 -0.91 14.47
N ILE A 163 12.82 -0.11 15.35
CA ILE A 163 12.41 -0.62 16.66
C ILE A 163 10.96 -0.22 16.91
N GLY A 164 10.21 -1.10 17.56
CA GLY A 164 8.81 -0.82 17.84
C GLY A 164 8.34 -1.57 19.07
N VAL A 165 7.03 -1.57 19.29
CA VAL A 165 6.48 -2.26 20.44
C VAL A 165 5.35 -3.21 20.07
N SER A 166 4.87 -3.92 21.08
CA SER A 166 3.81 -4.88 20.91
C SER A 166 3.02 -4.96 22.22
N ASN A 167 1.70 -5.06 22.09
CA ASN A 167 0.82 -5.17 23.24
C ASN A 167 0.85 -3.93 24.12
N PHE A 168 1.11 -2.78 23.51
CA PHE A 168 1.14 -1.51 24.22
C PHE A 168 -0.21 -0.86 24.02
N ASN A 169 -0.71 -0.21 25.06
CA ASN A 169 -2.00 0.47 24.96
C ASN A 169 -1.75 1.97 24.79
N HIS A 170 -2.82 2.75 24.75
CA HIS A 170 -2.72 4.20 24.59
C HIS A 170 -1.78 4.85 25.62
N ARG A 171 -1.96 4.50 26.89
CA ARG A 171 -1.13 5.07 27.96
C ARG A 171 0.35 4.79 27.76
N LEU A 172 0.69 3.53 27.54
CA LEU A 172 2.08 3.14 27.35
C LEU A 172 2.73 3.78 26.13
N LEU A 173 1.97 3.94 25.05
CA LEU A 173 2.50 4.57 23.85
C LEU A 173 2.81 6.03 24.15
N GLU A 174 1.83 6.72 24.73
CA GLU A 174 2.01 8.14 25.09
C GLU A 174 3.23 8.32 25.99
N MET A 175 3.47 7.34 26.86
CA MET A 175 4.60 7.38 27.78
C MET A 175 5.92 7.37 27.03
N ILE A 176 6.00 6.55 25.99
CA ILE A 176 7.21 6.47 25.19
C ILE A 176 7.33 7.71 24.31
N LEU A 177 6.20 8.11 23.71
CA LEU A 177 6.16 9.27 22.83
C LEU A 177 6.44 10.59 23.55
N ASN A 178 5.96 10.70 24.79
CA ASN A 178 6.15 11.92 25.58
C ASN A 178 7.44 11.88 26.41
N LYS A 179 8.28 10.88 26.16
CA LYS A 179 9.52 10.74 26.90
C LYS A 179 10.59 11.77 26.55
N PRO A 180 11.18 12.40 27.58
CA PRO A 180 12.22 13.42 27.37
C PRO A 180 13.45 12.82 26.70
N GLY A 181 13.97 13.50 25.68
CA GLY A 181 15.15 13.01 24.99
C GLY A 181 14.87 11.87 24.01
N LEU A 182 13.60 11.63 23.73
CA LEU A 182 13.20 10.57 22.80
C LEU A 182 13.91 10.74 21.47
N LYS A 183 14.63 9.70 21.05
CA LYS A 183 15.34 9.75 19.78
C LYS A 183 14.56 9.10 18.62
N TYR A 184 13.94 7.96 18.88
CA TYR A 184 13.17 7.26 17.85
C TYR A 184 11.80 6.83 18.33
N LYS A 185 10.77 7.21 17.57
CA LYS A 185 9.43 6.79 17.93
C LYS A 185 9.33 5.33 17.53
N PRO A 186 8.42 4.57 18.17
CA PRO A 186 8.31 3.16 17.75
C PRO A 186 7.71 3.18 16.35
N VAL A 187 8.19 2.33 15.45
CA VAL A 187 7.64 2.33 14.10
C VAL A 187 6.29 1.63 14.02
N CYS A 188 6.00 0.83 15.05
CA CYS A 188 4.74 0.09 15.06
C CYS A 188 4.32 -0.36 16.45
N ASN A 189 3.14 -0.94 16.51
CA ASN A 189 2.59 -1.51 17.73
C ASN A 189 1.84 -2.74 17.26
N GLN A 190 2.48 -3.90 17.44
CA GLN A 190 1.88 -5.17 17.04
C GLN A 190 0.93 -5.63 18.13
N VAL A 191 -0.35 -5.74 17.77
CA VAL A 191 -1.37 -6.15 18.72
C VAL A 191 -2.41 -7.05 18.06
N GLU A 192 -3.19 -7.74 18.88
CA GLU A 192 -4.24 -8.60 18.37
C GLU A 192 -5.24 -7.76 17.59
N CYS A 193 -5.59 -8.18 16.38
CA CYS A 193 -6.54 -7.42 15.58
C CYS A 193 -7.19 -8.29 14.50
N HIS A 194 -8.52 -8.26 14.47
CA HIS A 194 -9.32 -9.02 13.51
C HIS A 194 -10.74 -8.46 13.54
N PRO A 195 -11.66 -9.00 12.72
CA PRO A 195 -13.04 -8.50 12.71
C PRO A 195 -13.82 -8.54 14.03
N TYR A 196 -13.44 -9.42 14.94
CA TYR A 196 -14.13 -9.50 16.23
C TYR A 196 -13.51 -8.55 17.26
N PHE A 197 -12.35 -7.99 16.91
CA PHE A 197 -11.65 -7.05 17.77
C PHE A 197 -10.83 -6.20 16.79
N ASN A 198 -11.50 -5.26 16.13
CA ASN A 198 -10.84 -4.44 15.12
C ASN A 198 -9.98 -3.25 15.55
N GLN A 199 -9.82 -3.03 16.85
CA GLN A 199 -8.96 -1.96 17.36
C GLN A 199 -9.14 -0.58 16.73
N ARG A 200 -10.36 -0.26 16.31
N ARG A 200 -10.35 -0.24 16.30
CA ARG A 200 -10.66 1.03 15.69
CA ARG A 200 -10.60 1.04 15.66
C ARG A 200 -10.03 2.22 16.42
C ARG A 200 -9.99 2.22 16.42
N LYS A 201 -10.27 2.31 17.72
CA LYS A 201 -9.72 3.42 18.52
C LYS A 201 -8.20 3.47 18.60
N LEU A 202 -7.58 2.33 18.87
CA LEU A 202 -6.12 2.30 18.95
C LEU A 202 -5.53 2.52 17.57
N LEU A 203 -6.23 2.02 16.55
CA LEU A 203 -5.77 2.19 15.18
C LEU A 203 -5.70 3.67 14.82
N ASP A 204 -6.77 4.42 15.10
CA ASP A 204 -6.74 5.83 14.78
C ASP A 204 -5.65 6.58 15.52
N PHE A 205 -5.45 6.24 16.79
CA PHE A 205 -4.40 6.87 17.58
C PHE A 205 -3.05 6.66 16.92
N CYS A 206 -2.75 5.40 16.57
CA CYS A 206 -1.49 5.08 15.93
C CYS A 206 -1.32 5.86 14.63
N LYS A 207 -2.41 5.96 13.86
CA LYS A 207 -2.37 6.69 12.60
C LYS A 207 -2.01 8.17 12.83
N SER A 208 -2.58 8.77 13.88
CA SER A 208 -2.31 10.19 14.18
C SER A 208 -0.86 10.44 14.55
N LYS A 209 -0.13 9.39 14.89
CA LYS A 209 1.28 9.49 15.27
C LYS A 209 2.17 8.84 14.21
N ASP A 210 1.54 8.35 13.15
CA ASP A 210 2.23 7.66 12.07
C ASP A 210 2.94 6.42 12.59
N ILE A 211 2.22 5.65 13.40
CA ILE A 211 2.75 4.41 13.94
C ILE A 211 1.95 3.34 13.22
N VAL A 212 2.62 2.34 12.67
CA VAL A 212 1.93 1.27 11.96
C VAL A 212 1.41 0.24 12.94
N LEU A 213 0.13 -0.12 12.81
CA LEU A 213 -0.45 -1.14 13.66
C LEU A 213 -0.31 -2.46 12.92
N VAL A 214 0.37 -3.42 13.55
CA VAL A 214 0.59 -4.74 12.96
C VAL A 214 -0.34 -5.72 13.67
N ALA A 215 -1.25 -6.33 12.91
CA ALA A 215 -2.22 -7.25 13.47
C ALA A 215 -1.81 -8.71 13.56
N TYR A 216 -1.91 -9.28 14.76
CA TYR A 216 -1.62 -10.69 14.95
C TYR A 216 -2.92 -11.39 15.32
N SER A 217 -2.95 -12.72 15.17
CA SER A 217 -4.17 -13.48 15.42
C SER A 217 -5.26 -12.88 14.54
N ALA A 218 -4.86 -12.43 13.36
CA ALA A 218 -5.78 -11.82 12.40
C ALA A 218 -6.79 -12.82 11.86
N LEU A 219 -6.47 -14.10 11.97
CA LEU A 219 -7.35 -15.17 11.48
C LEU A 219 -8.09 -15.88 12.62
N GLY A 220 -8.01 -15.34 13.83
CA GLY A 220 -8.69 -15.96 14.95
C GLY A 220 -7.76 -16.60 15.97
N SER A 221 -6.46 -16.49 15.75
CA SER A 221 -5.42 -17.04 16.63
C SER A 221 -5.25 -18.55 16.61
N HIS A 222 -4.15 -19.01 17.20
CA HIS A 222 -3.83 -20.43 17.29
C HIS A 222 -4.84 -21.17 18.16
N ARG A 223 -5.59 -20.42 18.96
CA ARG A 223 -6.60 -21.00 19.85
C ARG A 223 -5.99 -22.05 20.78
N GLU A 224 -4.72 -21.87 21.13
CA GLU A 224 -4.04 -22.82 22.01
C GLU A 224 -4.35 -22.56 23.48
N GLU A 225 -4.69 -23.63 24.20
CA GLU A 225 -5.00 -23.53 25.62
C GLU A 225 -3.69 -23.72 26.40
N PRO A 226 -3.59 -23.11 27.60
CA PRO A 226 -4.62 -22.29 28.24
C PRO A 226 -4.55 -20.82 27.83
N TRP A 227 -3.84 -20.55 26.74
CA TRP A 227 -3.68 -19.17 26.26
C TRP A 227 -4.97 -18.56 25.72
N VAL A 228 -5.81 -19.38 25.10
CA VAL A 228 -7.05 -18.89 24.53
C VAL A 228 -8.24 -19.72 25.00
N ASP A 229 -9.33 -19.06 25.37
CA ASP A 229 -10.55 -19.73 25.83
C ASP A 229 -11.13 -20.54 24.68
N PRO A 230 -11.20 -21.88 24.85
CA PRO A 230 -11.75 -22.75 23.81
C PRO A 230 -13.22 -22.46 23.49
N ASN A 231 -13.87 -21.71 24.37
CA ASN A 231 -15.28 -21.36 24.20
C ASN A 231 -15.46 -20.13 23.30
N SER A 232 -14.36 -19.48 22.96
CA SER A 232 -14.42 -18.29 22.11
C SER A 232 -14.88 -18.63 20.69
N PRO A 233 -15.65 -17.73 20.07
CA PRO A 233 -16.17 -17.91 18.70
C PRO A 233 -15.05 -18.16 17.70
N VAL A 234 -15.35 -18.94 16.66
CA VAL A 234 -14.36 -19.22 15.63
C VAL A 234 -14.52 -18.18 14.53
N LEU A 235 -13.57 -17.26 14.45
CA LEU A 235 -13.60 -16.18 13.47
C LEU A 235 -13.91 -16.63 12.04
N LEU A 236 -13.09 -17.52 11.51
CA LEU A 236 -13.25 -17.98 10.14
C LEU A 236 -14.56 -18.71 9.87
N GLU A 237 -15.31 -19.01 10.92
CA GLU A 237 -16.59 -19.68 10.76
C GLU A 237 -17.72 -18.66 10.66
N ASP A 238 -17.43 -17.40 10.98
CA ASP A 238 -18.42 -16.35 10.92
C ASP A 238 -19.17 -16.38 9.59
N PRO A 239 -20.52 -16.26 9.64
CA PRO A 239 -21.39 -16.27 8.47
C PRO A 239 -21.17 -15.15 7.45
N VAL A 240 -20.90 -13.94 7.93
CA VAL A 240 -20.69 -12.82 7.03
C VAL A 240 -19.37 -12.97 6.27
N LEU A 241 -18.32 -13.40 6.95
CA LEU A 241 -17.03 -13.60 6.29
C LEU A 241 -17.16 -14.70 5.24
N CYS A 242 -17.88 -15.77 5.58
CA CYS A 242 -18.08 -16.89 4.67
C CYS A 242 -18.89 -16.47 3.45
N ALA A 243 -19.85 -15.57 3.67
CA ALA A 243 -20.69 -15.08 2.57
C ALA A 243 -19.83 -14.26 1.61
N LEU A 244 -19.01 -13.39 2.19
CA LEU A 244 -18.12 -12.55 1.38
C LEU A 244 -17.14 -13.44 0.64
N ALA A 245 -16.65 -14.48 1.32
CA ALA A 245 -15.70 -15.40 0.70
C ALA A 245 -16.33 -16.03 -0.54
N LYS A 246 -17.56 -16.52 -0.38
CA LYS A 246 -18.28 -17.15 -1.48
C LYS A 246 -18.47 -16.14 -2.62
N LYS A 247 -18.80 -14.91 -2.25
CA LYS A 247 -19.02 -13.85 -3.23
C LYS A 247 -17.78 -13.54 -4.08
N HIS A 248 -16.63 -13.43 -3.43
CA HIS A 248 -15.37 -13.14 -4.12
C HIS A 248 -14.64 -14.37 -4.63
N LYS A 249 -15.17 -15.55 -4.33
CA LYS A 249 -14.55 -16.80 -4.75
C LYS A 249 -13.19 -16.95 -4.06
N ARG A 250 -13.13 -16.52 -2.81
CA ARG A 250 -11.91 -16.60 -2.03
C ARG A 250 -12.24 -17.41 -0.77
N THR A 251 -11.55 -17.10 0.33
CA THR A 251 -11.80 -17.82 1.58
C THR A 251 -12.02 -16.83 2.71
N PRO A 252 -12.64 -17.29 3.81
CA PRO A 252 -12.88 -16.41 4.95
C PRO A 252 -11.57 -15.80 5.44
N ALA A 253 -10.52 -16.62 5.47
CA ALA A 253 -9.21 -16.15 5.90
C ALA A 253 -8.74 -15.00 5.02
N LEU A 254 -8.88 -15.16 3.71
CA LEU A 254 -8.48 -14.14 2.76
C LEU A 254 -9.27 -12.84 2.96
N ILE A 255 -10.58 -12.96 3.19
CA ILE A 255 -11.41 -11.78 3.39
C ILE A 255 -10.91 -11.00 4.61
N ALA A 256 -10.61 -11.74 5.67
CA ALA A 256 -10.14 -11.17 6.93
C ALA A 256 -8.79 -10.47 6.78
N LEU A 257 -7.91 -11.05 5.97
CA LEU A 257 -6.60 -10.44 5.77
C LEU A 257 -6.74 -9.18 4.92
N ARG A 258 -7.50 -9.26 3.84
CA ARG A 258 -7.70 -8.12 2.94
C ARG A 258 -8.30 -6.95 3.72
N TYR A 259 -9.24 -7.26 4.60
CA TYR A 259 -9.91 -6.27 5.44
C TYR A 259 -8.88 -5.37 6.12
N GLN A 260 -7.86 -5.98 6.73
CA GLN A 260 -6.81 -5.23 7.41
C GLN A 260 -6.02 -4.36 6.45
N LEU A 261 -5.63 -4.92 5.31
CA LEU A 261 -4.86 -4.18 4.34
C LEU A 261 -5.57 -2.92 3.84
N GLN A 262 -6.90 -2.98 3.72
CA GLN A 262 -7.63 -1.83 3.24
C GLN A 262 -7.98 -0.79 4.30
N ARG A 263 -7.60 -1.06 5.54
CA ARG A 263 -7.84 -0.09 6.61
C ARG A 263 -6.51 0.44 7.12
N GLY A 264 -5.45 0.22 6.33
CA GLY A 264 -4.13 0.71 6.68
C GLY A 264 -3.34 -0.12 7.65
N VAL A 265 -3.77 -1.36 7.86
CA VAL A 265 -3.10 -2.25 8.79
C VAL A 265 -2.20 -3.29 8.12
N VAL A 266 -0.99 -3.48 8.68
CA VAL A 266 -0.06 -4.49 8.18
C VAL A 266 -0.48 -5.76 8.90
N VAL A 267 -0.71 -6.83 8.13
CA VAL A 267 -1.22 -8.06 8.72
C VAL A 267 -0.32 -9.28 8.67
N LEU A 268 -0.35 -10.06 9.75
CA LEU A 268 0.42 -11.29 9.84
C LEU A 268 -0.54 -12.45 9.60
N ALA A 269 -0.01 -13.56 9.12
CA ALA A 269 -0.81 -14.74 8.88
C ALA A 269 0.08 -15.95 9.13
N LYS A 270 -0.33 -16.81 10.07
CA LYS A 270 0.44 -18.00 10.39
C LYS A 270 -0.20 -19.24 9.77
N SER A 271 0.64 -20.12 9.25
CA SER A 271 0.19 -21.36 8.65
C SER A 271 1.36 -22.26 8.33
N TYR A 272 1.26 -23.51 8.77
CA TYR A 272 2.29 -24.49 8.52
C TYR A 272 1.83 -25.48 7.45
N ASN A 273 0.67 -25.19 6.87
CA ASN A 273 0.08 -26.02 5.82
C ASN A 273 0.48 -25.42 4.47
N GLU A 274 1.21 -26.17 3.65
CA GLU A 274 1.65 -25.67 2.35
C GLU A 274 0.58 -25.01 1.49
N GLN A 275 -0.59 -25.64 1.40
CA GLN A 275 -1.66 -25.10 0.59
C GLN A 275 -2.20 -23.77 1.14
N ARG A 276 -2.40 -23.69 2.45
CA ARG A 276 -2.91 -22.46 3.03
C ARG A 276 -1.86 -21.33 3.01
N ILE A 277 -0.58 -21.70 3.02
CA ILE A 277 0.49 -20.73 2.98
C ILE A 277 0.45 -20.00 1.64
N ARG A 278 0.37 -20.76 0.55
CA ARG A 278 0.31 -20.18 -0.78
C ARG A 278 -1.00 -19.41 -0.96
N GLN A 279 -2.07 -19.92 -0.36
CA GLN A 279 -3.37 -19.28 -0.46
C GLN A 279 -3.38 -17.87 0.12
N ASN A 280 -2.74 -17.68 1.27
CA ASN A 280 -2.71 -16.39 1.92
C ASN A 280 -2.14 -15.24 1.10
N VAL A 281 -1.17 -15.52 0.22
CA VAL A 281 -0.61 -14.44 -0.58
C VAL A 281 -1.58 -13.96 -1.65
N GLN A 282 -2.73 -14.63 -1.74
CA GLN A 282 -3.76 -14.23 -2.71
C GLN A 282 -4.45 -12.94 -2.24
N VAL A 283 -4.12 -12.49 -1.04
CA VAL A 283 -4.71 -11.27 -0.51
C VAL A 283 -4.47 -10.09 -1.43
N PHE A 284 -3.46 -10.20 -2.30
CA PHE A 284 -3.14 -9.13 -3.24
C PHE A 284 -3.84 -9.30 -4.59
N GLU A 285 -4.66 -10.34 -4.71
N GLU A 285 -4.65 -10.34 -4.73
CA GLU A 285 -5.35 -10.65 -5.96
CA GLU A 285 -5.34 -10.61 -6.00
C GLU A 285 -6.77 -10.10 -6.09
C GLU A 285 -6.75 -10.03 -6.12
N PHE A 286 -7.29 -9.49 -5.03
CA PHE A 286 -8.64 -8.93 -5.08
C PHE A 286 -8.79 -7.73 -4.14
N GLN A 287 -9.95 -7.09 -4.17
CA GLN A 287 -10.23 -5.94 -3.33
C GLN A 287 -11.68 -5.96 -2.85
N LEU A 288 -11.92 -5.33 -1.70
CA LEU A 288 -13.26 -5.24 -1.10
C LEU A 288 -13.82 -3.83 -1.33
N THR A 289 -15.14 -3.75 -1.54
CA THR A 289 -15.83 -2.47 -1.74
C THR A 289 -16.06 -1.78 -0.40
N SER A 290 -16.47 -0.52 -0.43
CA SER A 290 -16.71 0.22 0.81
C SER A 290 -17.82 -0.44 1.63
N GLU A 291 -18.83 -0.97 0.96
CA GLU A 291 -19.94 -1.64 1.63
C GLU A 291 -19.47 -2.93 2.31
N GLU A 292 -18.62 -3.69 1.64
CA GLU A 292 -18.13 -4.93 2.21
C GLU A 292 -17.28 -4.61 3.43
N MET A 293 -16.45 -3.59 3.32
CA MET A 293 -15.60 -3.17 4.43
C MET A 293 -16.47 -2.80 5.63
N LYS A 294 -17.54 -2.06 5.38
CA LYS A 294 -18.46 -1.65 6.45
C LYS A 294 -19.14 -2.86 7.07
N ALA A 295 -19.46 -3.86 6.24
CA ALA A 295 -20.10 -5.07 6.73
C ALA A 295 -19.16 -5.78 7.70
N ILE A 296 -17.87 -5.73 7.41
CA ILE A 296 -16.89 -6.38 8.27
C ILE A 296 -16.70 -5.56 9.54
N ASP A 297 -16.81 -4.23 9.44
CA ASP A 297 -16.68 -3.38 10.62
C ASP A 297 -17.75 -3.76 11.62
N GLY A 298 -18.95 -4.06 11.11
CA GLY A 298 -20.06 -4.42 11.96
C GLY A 298 -19.90 -5.69 12.77
N LEU A 299 -18.91 -6.51 12.43
CA LEU A 299 -18.67 -7.77 13.14
C LEU A 299 -17.96 -7.62 14.47
N ASN A 300 -17.45 -6.42 14.75
CA ASN A 300 -16.71 -6.18 15.99
C ASN A 300 -17.48 -6.66 17.23
N ARG A 301 -16.86 -7.54 18.00
N ARG A 301 -16.86 -7.54 18.00
CA ARG A 301 -17.48 -8.08 19.21
CA ARG A 301 -17.47 -8.09 19.21
C ARG A 301 -16.80 -7.49 20.44
C ARG A 301 -16.77 -7.52 20.44
N ASN A 302 -15.64 -6.86 20.21
CA ASN A 302 -14.87 -6.27 21.29
C ASN A 302 -14.39 -7.31 22.30
N VAL A 303 -14.29 -8.56 21.86
CA VAL A 303 -13.83 -9.63 22.73
C VAL A 303 -12.43 -10.08 22.30
N ARG A 304 -11.50 -9.98 23.24
CA ARG A 304 -10.10 -10.31 23.04
C ARG A 304 -9.77 -11.80 23.20
N TYR A 305 -9.06 -12.37 22.24
CA TYR A 305 -8.67 -13.79 22.28
C TYR A 305 -7.49 -14.05 23.21
N LEU A 306 -6.50 -13.16 23.19
CA LEU A 306 -5.32 -13.30 24.03
C LEU A 306 -5.22 -12.22 25.10
N THR A 307 -5.59 -12.59 26.32
CA THR A 307 -5.54 -11.66 27.44
C THR A 307 -4.24 -11.78 28.23
N LEU A 308 -3.59 -12.94 28.13
CA LEU A 308 -2.34 -13.19 28.84
C LEU A 308 -2.49 -12.70 30.28
N ASP A 309 -3.58 -13.09 30.93
CA ASP A 309 -3.82 -12.64 32.30
C ASP A 309 -2.82 -13.11 33.36
N ILE A 310 -2.00 -14.10 33.06
CA ILE A 310 -1.01 -14.53 34.05
C ILE A 310 -0.08 -13.34 34.33
N PHE A 311 -0.09 -12.37 33.43
CA PHE A 311 0.74 -11.18 33.59
C PHE A 311 -0.09 -10.01 34.11
N ALA A 312 -1.35 -10.28 34.46
CA ALA A 312 -2.24 -9.26 34.99
C ALA A 312 -1.87 -9.02 36.46
N GLY A 313 -2.09 -7.79 36.93
CA GLY A 313 -1.76 -7.46 38.30
C GLY A 313 -0.84 -6.26 38.31
N PRO A 314 0.37 -6.37 37.74
CA PRO A 314 1.31 -5.23 37.70
C PRO A 314 0.67 -4.07 36.95
N PRO A 315 1.09 -2.83 37.28
CA PRO A 315 0.57 -1.61 36.65
C PRO A 315 0.65 -1.59 35.12
N ASN A 316 1.73 -2.17 34.57
CA ASN A 316 1.89 -2.17 33.12
C ASN A 316 1.02 -3.14 32.33
N TYR A 317 0.21 -3.95 32.99
CA TYR A 317 -0.68 -4.86 32.26
C TYR A 317 -1.45 -3.91 31.35
N PRO A 318 -1.39 -4.12 30.03
CA PRO A 318 -2.05 -3.30 29.01
C PRO A 318 -3.52 -3.45 28.66
N PHE A 319 -4.15 -4.56 29.02
CA PHE A 319 -5.54 -4.76 28.61
C PHE A 319 -6.67 -4.32 29.54
N SER A 320 -6.34 -3.58 30.59
CA SER A 320 -7.39 -3.12 31.50
C SER A 320 -8.06 -1.86 30.96
N ASP A 321 -7.26 -0.94 30.43
CA ASP A 321 -7.78 0.31 29.88
C ASP A 321 -8.67 0.04 28.66
N GLU A 322 -9.48 1.02 28.30
CA GLU A 322 -10.36 0.88 27.14
C GLU A 322 -9.51 0.55 25.90
N TYR A 323 -8.41 1.24 25.76
CA TYR A 323 -7.49 1.01 24.65
C TYR A 323 -6.14 1.66 24.96
N ASP B 2 15.97 4.98 -0.01
CA ASP B 2 15.25 4.66 -1.29
C ASP B 2 15.35 3.17 -1.59
N SER B 3 15.45 2.84 -2.88
CA SER B 3 15.55 1.45 -3.31
C SER B 3 14.19 0.74 -3.14
N LYS B 4 13.49 1.08 -2.07
CA LYS B 4 12.18 0.52 -1.81
C LYS B 4 11.18 1.67 -1.76
N TYR B 5 9.97 1.42 -2.24
CA TYR B 5 8.91 2.42 -2.25
C TYR B 5 7.57 1.71 -2.36
N GLN B 6 6.51 2.44 -2.04
CA GLN B 6 5.17 1.89 -2.04
C GLN B 6 4.53 1.68 -3.42
N CYS B 7 4.11 0.44 -3.67
N CYS B 7 4.13 0.43 -3.66
CA CYS B 7 3.47 0.08 -4.93
CA CYS B 7 3.49 0.02 -4.93
C CYS B 7 2.33 -0.89 -4.67
C CYS B 7 2.30 -0.87 -4.65
N VAL B 8 1.45 -1.03 -5.65
CA VAL B 8 0.29 -1.90 -5.54
C VAL B 8 0.35 -2.93 -6.67
N LYS B 9 -0.03 -4.18 -6.38
CA LYS B 9 -0.01 -5.22 -7.40
C LYS B 9 -1.20 -5.10 -8.35
N LEU B 10 -0.93 -5.02 -9.64
CA LEU B 10 -1.96 -4.90 -10.67
C LEU B 10 -2.53 -6.28 -11.01
N ASN B 11 -3.69 -6.33 -11.67
CA ASN B 11 -4.28 -7.63 -11.99
C ASN B 11 -3.53 -8.49 -13.01
N ASP B 12 -2.42 -7.99 -13.55
CA ASP B 12 -1.64 -8.79 -14.49
C ASP B 12 -0.31 -9.22 -13.86
N GLY B 13 -0.18 -8.98 -12.55
CA GLY B 13 1.04 -9.35 -11.84
C GLY B 13 2.10 -8.27 -11.73
N HIS B 14 1.99 -7.20 -12.50
CA HIS B 14 2.99 -6.12 -12.41
C HIS B 14 2.69 -5.19 -11.24
N PHE B 15 3.67 -4.37 -10.87
CA PHE B 15 3.50 -3.46 -9.75
C PHE B 15 3.54 -1.98 -10.13
N MET B 16 2.58 -1.22 -9.60
CA MET B 16 2.46 0.21 -9.89
C MET B 16 2.74 1.06 -8.65
N PRO B 17 3.71 2.00 -8.73
CA PRO B 17 4.02 2.86 -7.58
C PRO B 17 2.73 3.65 -7.30
N VAL B 18 2.35 3.78 -6.04
CA VAL B 18 1.11 4.46 -5.67
C VAL B 18 1.06 5.97 -5.85
N LEU B 19 2.23 6.59 -6.00
CA LEU B 19 2.27 8.04 -6.23
C LEU B 19 2.97 8.25 -7.56
N GLY B 20 2.29 8.94 -8.47
CA GLY B 20 2.85 9.20 -9.78
C GLY B 20 2.98 10.67 -10.10
N PHE B 21 3.91 11.00 -10.98
CA PHE B 21 4.17 12.37 -11.38
C PHE B 21 3.50 12.75 -12.71
N GLY B 22 2.58 13.72 -12.65
CA GLY B 22 1.90 14.16 -13.85
C GLY B 22 2.80 15.08 -14.64
N THR B 23 2.75 14.98 -15.98
CA THR B 23 3.62 15.81 -16.81
C THR B 23 2.96 16.82 -17.72
N TYR B 24 1.64 16.77 -17.83
CA TYR B 24 0.94 17.72 -18.67
C TYR B 24 1.17 19.16 -18.24
N ALA B 25 1.34 20.05 -19.22
CA ALA B 25 1.55 21.47 -18.96
C ALA B 25 0.81 22.24 -20.06
N PRO B 26 0.21 23.39 -19.71
CA PRO B 26 -0.52 24.21 -20.68
C PRO B 26 0.28 24.52 -21.95
N ALA B 27 -0.44 24.78 -23.04
CA ALA B 27 0.20 25.07 -24.32
C ALA B 27 1.23 26.19 -24.24
N GLU B 28 0.97 27.19 -23.40
CA GLU B 28 1.87 28.32 -23.25
C GLU B 28 3.08 28.05 -22.35
N VAL B 29 3.40 26.78 -22.16
CA VAL B 29 4.55 26.40 -21.33
C VAL B 29 5.57 25.65 -22.18
N PRO B 30 6.77 26.22 -22.34
CA PRO B 30 7.82 25.58 -23.14
C PRO B 30 8.05 24.13 -22.75
N LYS B 31 8.05 23.24 -23.75
CA LYS B 31 8.24 21.82 -23.50
C LYS B 31 9.50 21.52 -22.70
N SER B 32 10.51 22.37 -22.82
CA SER B 32 11.76 22.18 -22.09
C SER B 32 11.53 22.17 -20.58
N LYS B 33 10.42 22.75 -20.14
CA LYS B 33 10.10 22.79 -18.72
C LYS B 33 9.72 21.41 -18.19
N ALA B 34 9.29 20.52 -19.07
CA ALA B 34 8.91 19.18 -18.67
C ALA B 34 10.17 18.37 -18.39
N LEU B 35 11.19 18.59 -19.20
CA LEU B 35 12.47 17.91 -19.04
C LEU B 35 13.04 18.08 -17.65
N GLU B 36 13.10 19.33 -17.20
CA GLU B 36 13.66 19.64 -15.88
C GLU B 36 12.78 19.11 -14.75
N ALA B 37 11.47 19.24 -14.90
CA ALA B 37 10.51 18.79 -13.90
C ALA B 37 10.59 17.29 -13.62
N VAL B 38 10.71 16.49 -14.68
CA VAL B 38 10.78 15.04 -14.54
C VAL B 38 12.09 14.61 -13.89
N LYS B 39 13.16 15.34 -14.16
CA LYS B 39 14.46 15.02 -13.56
C LYS B 39 14.35 15.23 -12.06
N LEU B 40 13.72 16.35 -11.69
CA LEU B 40 13.53 16.69 -10.28
C LEU B 40 12.66 15.63 -9.60
N ALA B 41 11.49 15.39 -10.19
CA ALA B 41 10.54 14.41 -9.65
C ALA B 41 11.25 13.10 -9.31
N ILE B 42 12.12 12.64 -10.22
CA ILE B 42 12.84 11.41 -9.99
C ILE B 42 13.79 11.56 -8.80
N GLU B 43 14.51 12.67 -8.76
CA GLU B 43 15.43 12.93 -7.65
C GLU B 43 14.68 13.01 -6.33
N ALA B 44 13.47 13.57 -6.39
CA ALA B 44 12.63 13.73 -5.21
C ALA B 44 12.03 12.41 -4.71
N GLY B 45 12.08 11.37 -5.53
CA GLY B 45 11.55 10.09 -5.10
C GLY B 45 10.38 9.53 -5.88
N PHE B 46 9.96 10.20 -6.95
CA PHE B 46 8.86 9.68 -7.75
C PHE B 46 9.39 8.50 -8.55
N HIS B 47 8.63 7.41 -8.60
CA HIS B 47 9.04 6.22 -9.33
C HIS B 47 7.99 5.88 -10.39
N HIS B 48 7.03 6.77 -10.53
CA HIS B 48 5.93 6.61 -11.47
C HIS B 48 5.79 7.94 -12.21
N ILE B 49 5.94 7.89 -13.54
N ILE B 49 5.94 7.89 -13.54
CA ILE B 49 5.85 9.07 -14.38
CA ILE B 49 5.84 9.07 -14.38
C ILE B 49 4.74 8.88 -15.41
C ILE B 49 4.74 8.88 -15.41
N ASP B 50 3.83 9.85 -15.48
CA ASP B 50 2.70 9.78 -16.41
C ASP B 50 2.68 10.81 -17.53
N SER B 51 2.61 10.33 -18.76
CA SER B 51 2.56 11.21 -19.92
C SER B 51 1.55 10.69 -20.94
N ALA B 52 1.67 11.17 -22.18
CA ALA B 52 0.76 10.77 -23.25
C ALA B 52 1.23 11.38 -24.56
N HIS B 53 0.91 10.74 -25.67
CA HIS B 53 1.31 11.27 -26.97
C HIS B 53 0.72 12.67 -27.14
N VAL B 54 -0.53 12.83 -26.74
CA VAL B 54 -1.21 14.11 -26.89
C VAL B 54 -0.61 15.27 -26.09
N TYR B 55 0.21 14.98 -25.09
CA TYR B 55 0.83 16.05 -24.28
C TYR B 55 1.98 16.70 -25.03
N ASN B 56 2.42 16.05 -26.10
CA ASN B 56 3.51 16.55 -26.92
C ASN B 56 4.75 16.90 -26.11
N ASN B 57 5.18 15.98 -25.25
CA ASN B 57 6.36 16.20 -24.42
C ASN B 57 7.14 14.92 -24.19
N GLU B 58 6.76 13.83 -24.86
CA GLU B 58 7.45 12.56 -24.64
C GLU B 58 8.93 12.62 -24.99
N GLU B 59 9.31 13.50 -25.91
CA GLU B 59 10.73 13.64 -26.25
C GLU B 59 11.48 14.11 -25.00
N GLN B 60 10.94 15.13 -24.36
CA GLN B 60 11.55 15.71 -23.16
C GLN B 60 11.46 14.72 -21.99
N VAL B 61 10.28 14.17 -21.76
CA VAL B 61 10.09 13.22 -20.66
C VAL B 61 11.05 12.06 -20.85
N GLY B 62 11.14 11.56 -22.07
CA GLY B 62 12.04 10.46 -22.35
C GLY B 62 13.47 10.82 -22.03
N LEU B 63 13.89 12.01 -22.45
CA LEU B 63 15.24 12.50 -22.20
C LEU B 63 15.54 12.54 -20.70
N ALA B 64 14.62 13.11 -19.93
CA ALA B 64 14.78 13.20 -18.48
C ALA B 64 15.03 11.83 -17.89
N ILE B 65 14.12 10.90 -18.17
CA ILE B 65 14.22 9.53 -17.67
C ILE B 65 15.55 8.88 -18.03
N ARG B 66 15.92 8.95 -19.31
CA ARG B 66 17.17 8.36 -19.77
C ARG B 66 18.37 9.08 -19.14
N SER B 67 18.17 10.35 -18.81
CA SER B 67 19.22 11.15 -18.19
C SER B 67 19.45 10.67 -16.76
N LYS B 68 18.37 10.38 -16.04
CA LYS B 68 18.47 9.91 -14.66
C LYS B 68 18.94 8.47 -14.59
N ILE B 69 18.78 7.74 -15.69
CA ILE B 69 19.23 6.35 -15.74
C ILE B 69 20.72 6.38 -16.08
N ALA B 70 21.08 7.24 -17.03
CA ALA B 70 22.46 7.38 -17.48
C ALA B 70 23.40 7.75 -16.33
N ASP B 71 23.02 8.73 -15.51
CA ASP B 71 23.89 9.10 -14.40
C ASP B 71 23.67 8.24 -13.15
N GLY B 72 23.26 6.99 -13.38
CA GLY B 72 23.03 6.05 -12.29
C GLY B 72 22.09 6.45 -11.18
N SER B 73 21.31 7.52 -11.38
CA SER B 73 20.39 7.98 -10.35
C SER B 73 19.21 7.02 -10.14
N VAL B 74 18.92 6.19 -11.13
CA VAL B 74 17.83 5.22 -11.04
C VAL B 74 17.97 4.18 -12.15
N LYS B 75 17.39 3.00 -11.94
CA LYS B 75 17.44 1.93 -12.93
C LYS B 75 16.12 1.92 -13.70
N ARG B 76 16.12 1.43 -14.93
CA ARG B 76 14.89 1.39 -15.74
C ARG B 76 13.76 0.63 -15.06
N GLU B 77 14.09 -0.47 -14.41
CA GLU B 77 13.09 -1.28 -13.73
C GLU B 77 12.49 -0.55 -12.54
N ASP B 78 13.12 0.55 -12.14
CA ASP B 78 12.61 1.32 -11.01
C ASP B 78 11.86 2.56 -11.44
N ILE B 79 11.57 2.63 -12.73
CA ILE B 79 10.80 3.72 -13.28
C ILE B 79 9.57 3.06 -13.91
N PHE B 80 8.38 3.55 -13.55
CA PHE B 80 7.14 3.02 -14.08
C PHE B 80 6.61 4.15 -14.97
N TYR B 81 6.79 4.02 -16.27
CA TYR B 81 6.36 5.03 -17.23
C TYR B 81 5.06 4.71 -17.95
N THR B 82 4.14 5.66 -17.93
CA THR B 82 2.83 5.49 -18.57
C THR B 82 2.67 6.39 -19.79
N SER B 83 2.20 5.82 -20.90
CA SER B 83 1.91 6.61 -22.10
C SER B 83 0.45 6.32 -22.42
N LYS B 84 -0.12 7.08 -23.35
CA LYS B 84 -1.51 6.89 -23.71
C LYS B 84 -1.75 7.02 -25.21
N LEU B 85 -2.64 6.16 -25.70
CA LEU B 85 -3.02 6.12 -27.12
C LEU B 85 -4.02 7.24 -27.34
N TRP B 86 -3.70 8.21 -28.19
CA TRP B 86 -4.66 9.28 -28.41
C TRP B 86 -5.78 8.80 -29.34
N SER B 87 -6.89 9.53 -29.33
CA SER B 87 -8.08 9.16 -30.09
C SER B 87 -8.00 9.10 -31.61
N ASN B 88 -6.94 9.64 -32.20
CA ASN B 88 -6.81 9.58 -33.65
C ASN B 88 -6.18 8.26 -34.08
N SER B 89 -5.88 7.39 -33.12
CA SER B 89 -5.27 6.10 -33.43
C SER B 89 -6.02 4.90 -32.83
N HIS B 90 -7.33 5.03 -32.67
CA HIS B 90 -8.13 3.93 -32.11
C HIS B 90 -8.28 2.77 -33.09
N ARG B 91 -8.16 3.03 -34.40
CA ARG B 91 -8.30 1.95 -35.37
C ARG B 91 -7.26 0.88 -35.07
N PRO B 92 -7.67 -0.40 -35.09
CA PRO B 92 -6.82 -1.55 -34.80
C PRO B 92 -5.41 -1.49 -35.38
N GLU B 93 -5.32 -1.22 -36.68
CA GLU B 93 -4.02 -1.17 -37.36
C GLU B 93 -3.18 0.07 -37.08
N LEU B 94 -3.73 1.02 -36.31
CA LEU B 94 -2.99 2.22 -35.97
C LEU B 94 -2.47 2.21 -34.53
N VAL B 95 -2.96 1.26 -33.73
CA VAL B 95 -2.55 1.18 -32.31
C VAL B 95 -1.06 0.88 -32.09
N ARG B 96 -0.53 -0.22 -32.63
CA ARG B 96 0.89 -0.50 -32.40
C ARG B 96 1.80 0.61 -32.95
N PRO B 97 1.46 1.19 -34.12
CA PRO B 97 2.31 2.25 -34.66
C PRO B 97 2.32 3.48 -33.74
N ALA B 98 1.19 3.78 -33.11
CA ALA B 98 1.12 4.93 -32.20
C ALA B 98 2.05 4.69 -31.00
N LEU B 99 2.05 3.46 -30.48
CA LEU B 99 2.91 3.14 -29.35
C LEU B 99 4.37 3.17 -29.79
N GLU B 100 4.65 2.62 -30.97
CA GLU B 100 6.02 2.60 -31.48
C GLU B 100 6.53 4.01 -31.72
N ARG B 101 5.63 4.93 -32.07
CA ARG B 101 5.99 6.32 -32.30
C ARG B 101 6.35 6.95 -30.96
N SER B 102 5.54 6.65 -29.94
CA SER B 102 5.80 7.17 -28.60
C SER B 102 7.14 6.63 -28.12
N LEU B 103 7.38 5.35 -28.32
CA LEU B 103 8.63 4.73 -27.89
C LEU B 103 9.84 5.31 -28.61
N LYS B 104 9.66 5.68 -29.87
CA LYS B 104 10.74 6.26 -30.66
C LYS B 104 11.07 7.66 -30.14
N ASN B 105 10.03 8.42 -29.79
CA ASN B 105 10.21 9.76 -29.24
C ASN B 105 10.92 9.69 -27.90
N LEU B 106 10.50 8.73 -27.06
CA LEU B 106 11.08 8.53 -25.72
C LEU B 106 12.45 7.85 -25.78
N GLN B 107 12.69 7.14 -26.89
CA GLN B 107 13.91 6.39 -27.07
C GLN B 107 14.01 5.32 -25.97
N LEU B 108 12.88 4.68 -25.70
CA LEU B 108 12.78 3.61 -24.71
C LEU B 108 12.33 2.35 -25.44
N ASP B 109 12.59 1.18 -24.86
CA ASP B 109 12.21 -0.08 -25.49
C ASP B 109 10.77 -0.50 -25.19
N TYR B 110 10.22 -0.01 -24.08
CA TYR B 110 8.86 -0.36 -23.71
C TYR B 110 8.29 0.65 -22.72
N VAL B 111 6.97 0.70 -22.61
CA VAL B 111 6.33 1.56 -21.63
C VAL B 111 5.84 0.59 -20.58
N ASP B 112 5.74 1.02 -19.33
CA ASP B 112 5.27 0.12 -18.29
C ASP B 112 3.75 0.00 -18.36
N LEU B 113 3.11 1.06 -18.86
CA LEU B 113 1.67 1.11 -18.98
C LEU B 113 1.21 1.89 -20.21
N TYR B 114 0.28 1.33 -20.98
CA TYR B 114 -0.25 2.01 -22.15
C TYR B 114 -1.76 2.04 -21.97
N LEU B 115 -2.33 3.25 -22.04
CA LEU B 115 -3.77 3.41 -21.86
C LEU B 115 -4.51 3.97 -23.07
N ILE B 116 -5.78 3.60 -23.19
CA ILE B 116 -6.64 4.17 -24.23
C ILE B 116 -6.98 5.46 -23.50
N HIS B 117 -6.46 6.57 -23.99
CA HIS B 117 -6.64 7.87 -23.35
C HIS B 117 -8.08 8.35 -23.13
N PHE B 118 -8.89 8.32 -24.19
CA PHE B 118 -10.28 8.79 -24.10
C PHE B 118 -11.11 7.90 -25.04
N PRO B 119 -12.28 7.42 -24.58
CA PRO B 119 -13.15 6.55 -25.36
C PRO B 119 -13.78 7.07 -26.65
N VAL B 120 -13.75 8.38 -26.90
CA VAL B 120 -14.30 8.91 -28.14
C VAL B 120 -13.20 8.96 -29.20
N SER B 121 -13.53 8.51 -30.41
CA SER B 121 -12.57 8.47 -31.52
C SER B 121 -12.67 9.65 -32.47
N VAL B 122 -11.52 10.07 -33.01
CA VAL B 122 -11.48 11.15 -33.99
C VAL B 122 -10.73 10.66 -35.23
N LYS B 123 -10.93 11.37 -36.35
N LYS B 123 -10.94 11.35 -36.35
CA LYS B 123 -10.30 11.03 -37.62
CA LYS B 123 -10.31 10.99 -37.62
C LYS B 123 -8.78 10.88 -37.55
C LYS B 123 -8.78 10.87 -37.54
N PRO B 124 -8.24 9.81 -38.15
CA PRO B 124 -6.79 9.57 -38.16
C PRO B 124 -6.07 10.73 -38.85
N GLY B 125 -4.84 11.02 -38.42
CA GLY B 125 -4.08 12.10 -39.00
C GLY B 125 -3.23 12.72 -37.91
N GLU B 126 -2.31 13.60 -38.30
CA GLU B 126 -1.43 14.27 -37.35
C GLU B 126 -2.17 15.12 -36.32
N GLU B 127 -3.20 15.84 -36.75
CA GLU B 127 -3.98 16.69 -35.84
C GLU B 127 -4.71 15.89 -34.75
N VAL B 128 -4.43 16.22 -33.49
CA VAL B 128 -5.07 15.54 -32.36
C VAL B 128 -6.55 15.89 -32.19
N ILE B 129 -6.94 17.08 -32.65
CA ILE B 129 -8.33 17.49 -32.55
C ILE B 129 -8.74 18.08 -33.90
N PRO B 130 -8.93 17.21 -34.91
CA PRO B 130 -9.32 17.62 -36.26
C PRO B 130 -10.73 18.22 -36.30
N LYS B 131 -10.91 19.28 -37.07
CA LYS B 131 -12.21 19.94 -37.17
C LYS B 131 -12.61 20.18 -38.60
N ASP B 132 -13.91 20.14 -38.87
CA ASP B 132 -14.41 20.35 -40.22
C ASP B 132 -14.55 21.84 -40.56
N GLU B 133 -15.09 22.11 -41.74
CA GLU B 133 -15.26 23.48 -42.22
C GLU B 133 -16.14 24.34 -41.33
N ASN B 134 -16.99 23.71 -40.52
CA ASN B 134 -17.86 24.47 -39.64
C ASN B 134 -17.31 24.54 -38.21
N GLY B 135 -16.06 24.13 -38.04
CA GLY B 135 -15.45 24.17 -36.73
C GLY B 135 -15.86 23.04 -35.80
N LYS B 136 -16.57 22.04 -36.33
CA LYS B 136 -17.00 20.91 -35.52
C LYS B 136 -15.97 19.79 -35.56
N ILE B 137 -15.85 19.03 -34.49
CA ILE B 137 -14.86 17.96 -34.45
C ILE B 137 -15.16 16.85 -35.45
N LEU B 138 -14.10 16.36 -36.08
CA LEU B 138 -14.23 15.29 -37.04
C LEU B 138 -14.12 13.95 -36.31
N PHE B 139 -15.24 13.51 -35.75
CA PHE B 139 -15.28 12.24 -35.02
C PHE B 139 -15.12 11.07 -35.99
N ASP B 140 -14.71 9.93 -35.47
CA ASP B 140 -14.54 8.73 -36.27
C ASP B 140 -15.33 7.67 -35.51
N THR B 141 -15.61 6.55 -36.16
CA THR B 141 -16.33 5.48 -35.48
C THR B 141 -15.43 4.26 -35.41
N VAL B 142 -15.12 3.82 -34.19
CA VAL B 142 -14.27 2.65 -34.00
C VAL B 142 -14.77 1.79 -32.84
N ASP B 143 -14.86 0.48 -33.09
CA ASP B 143 -15.27 -0.48 -32.07
C ASP B 143 -14.13 -0.58 -31.06
N LEU B 144 -14.33 -0.09 -29.84
CA LEU B 144 -13.28 -0.12 -28.81
C LEU B 144 -12.81 -1.53 -28.45
N CYS B 145 -13.63 -2.55 -28.68
CA CYS B 145 -13.20 -3.91 -28.40
C CYS B 145 -12.09 -4.28 -29.40
N ALA B 146 -12.18 -3.74 -30.61
CA ALA B 146 -11.14 -3.98 -31.61
C ALA B 146 -9.88 -3.26 -31.16
N THR B 147 -10.04 -2.04 -30.66
CA THR B 147 -8.92 -1.25 -30.17
C THR B 147 -8.25 -2.01 -29.02
N TRP B 148 -9.05 -2.53 -28.10
CA TRP B 148 -8.52 -3.28 -26.95
C TRP B 148 -7.74 -4.52 -27.38
N GLU B 149 -8.25 -5.23 -28.39
CA GLU B 149 -7.55 -6.41 -28.87
C GLU B 149 -6.18 -6.02 -29.42
N ALA B 150 -6.09 -4.82 -30.01
CA ALA B 150 -4.80 -4.35 -30.53
C ALA B 150 -3.88 -4.02 -29.37
N MET B 151 -4.45 -3.50 -28.28
CA MET B 151 -3.68 -3.16 -27.09
C MET B 151 -3.09 -4.42 -26.49
N GLU B 152 -3.87 -5.50 -26.48
CA GLU B 152 -3.41 -6.77 -25.94
C GLU B 152 -2.22 -7.32 -26.73
N LYS B 153 -2.26 -7.13 -28.05
CA LYS B 153 -1.16 -7.60 -28.90
C LYS B 153 0.11 -6.79 -28.63
N CYS B 154 -0.06 -5.54 -28.16
CA CYS B 154 1.09 -4.71 -27.85
C CYS B 154 1.74 -5.23 -26.57
N LYS B 155 0.91 -5.72 -25.64
CA LYS B 155 1.45 -6.26 -24.40
C LYS B 155 2.15 -7.58 -24.73
N ASP B 156 1.54 -8.41 -25.58
CA ASP B 156 2.17 -9.67 -25.93
C ASP B 156 3.48 -9.48 -26.67
N ALA B 157 3.60 -8.39 -27.42
CA ALA B 157 4.83 -8.11 -28.14
C ALA B 157 5.88 -7.50 -27.22
N GLY B 158 5.51 -7.25 -25.98
CA GLY B 158 6.44 -6.68 -25.01
C GLY B 158 6.67 -5.18 -25.09
N LEU B 159 5.89 -4.47 -25.89
CA LEU B 159 6.04 -3.03 -26.03
C LEU B 159 5.41 -2.27 -24.86
N ALA B 160 4.46 -2.92 -24.21
CA ALA B 160 3.77 -2.38 -23.05
C ALA B 160 3.70 -3.49 -22.00
N LYS B 161 4.19 -3.23 -20.80
CA LYS B 161 4.17 -4.24 -19.74
C LYS B 161 2.74 -4.51 -19.27
N SER B 162 1.96 -3.44 -19.16
CA SER B 162 0.57 -3.53 -18.73
C SER B 162 -0.24 -2.58 -19.60
N ILE B 163 -1.53 -2.87 -19.74
CA ILE B 163 -2.41 -2.02 -20.54
C ILE B 163 -3.64 -1.68 -19.71
N GLY B 164 -4.18 -0.48 -19.93
CA GLY B 164 -5.35 -0.07 -19.17
C GLY B 164 -6.16 0.97 -19.92
N VAL B 165 -7.07 1.63 -19.22
CA VAL B 165 -7.90 2.65 -19.86
C VAL B 165 -7.97 3.92 -19.03
N SER B 166 -8.51 4.96 -19.63
CA SER B 166 -8.65 6.25 -18.96
C SER B 166 -9.96 6.88 -19.41
N ASN B 167 -10.65 7.53 -18.47
CA ASN B 167 -11.91 8.19 -18.76
C ASN B 167 -13.00 7.23 -19.24
N PHE B 168 -12.98 6.01 -18.71
CA PHE B 168 -13.99 5.02 -19.05
C PHE B 168 -15.05 5.04 -17.95
N ASN B 169 -16.31 4.89 -18.31
CA ASN B 169 -17.35 4.88 -17.29
C ASN B 169 -17.71 3.43 -17.02
N HIS B 170 -18.76 3.22 -16.22
CA HIS B 170 -19.19 1.87 -15.89
C HIS B 170 -19.53 1.04 -17.13
N ARG B 171 -20.36 1.58 -18.02
CA ARG B 171 -20.76 0.87 -19.24
C ARG B 171 -19.58 0.47 -20.11
N LEU B 172 -18.62 1.38 -20.30
CA LEU B 172 -17.45 1.11 -21.14
C LEU B 172 -16.53 0.04 -20.53
N LEU B 173 -16.41 0.02 -19.20
CA LEU B 173 -15.57 -0.98 -18.55
C LEU B 173 -16.18 -2.37 -18.73
N GLU B 174 -17.48 -2.47 -18.56
CA GLU B 174 -18.18 -3.75 -18.71
C GLU B 174 -18.02 -4.27 -20.13
N MET B 175 -18.04 -3.35 -21.10
CA MET B 175 -17.89 -3.71 -22.50
C MET B 175 -16.58 -4.49 -22.70
N ILE B 176 -15.50 -3.99 -22.08
CA ILE B 176 -14.20 -4.64 -22.19
C ILE B 176 -14.16 -5.91 -21.36
N LEU B 177 -14.54 -5.79 -20.09
CA LEU B 177 -14.54 -6.92 -19.17
C LEU B 177 -15.35 -8.10 -19.70
N ASN B 178 -16.43 -7.79 -20.43
CA ASN B 178 -17.30 -8.83 -20.98
C ASN B 178 -17.00 -9.18 -22.44
N LYS B 179 -15.95 -8.58 -23.00
CA LYS B 179 -15.61 -8.85 -24.39
C LYS B 179 -15.31 -10.32 -24.65
N PRO B 180 -15.87 -10.88 -25.73
CA PRO B 180 -15.61 -12.29 -26.02
C PRO B 180 -14.13 -12.49 -26.34
N GLY B 181 -13.55 -13.54 -25.77
CA GLY B 181 -12.15 -13.83 -26.01
C GLY B 181 -11.17 -12.90 -25.32
N LEU B 182 -11.64 -12.12 -24.35
CA LEU B 182 -10.75 -11.20 -23.63
C LEU B 182 -9.50 -11.90 -23.12
N LYS B 183 -8.33 -11.33 -23.41
CA LYS B 183 -7.09 -11.91 -22.94
C LYS B 183 -6.56 -11.21 -21.70
N TYR B 184 -6.62 -9.88 -21.67
CA TYR B 184 -6.16 -9.11 -20.53
C TYR B 184 -7.14 -8.03 -20.07
N LYS B 185 -7.47 -8.01 -18.79
CA LYS B 185 -8.36 -6.99 -18.26
C LYS B 185 -7.54 -5.70 -18.16
N PRO B 186 -8.22 -4.55 -18.13
CA PRO B 186 -7.47 -3.30 -18.01
C PRO B 186 -6.91 -3.35 -16.58
N VAL B 187 -5.66 -2.93 -16.37
CA VAL B 187 -5.10 -2.96 -15.03
C VAL B 187 -5.57 -1.75 -14.24
N CYS B 188 -6.06 -0.74 -14.94
CA CYS B 188 -6.50 0.49 -14.28
C CYS B 188 -7.45 1.31 -15.11
N ASN B 189 -8.01 2.33 -14.48
CA ASN B 189 -8.89 3.28 -15.16
C ASN B 189 -8.49 4.62 -14.57
N GLN B 190 -7.75 5.41 -15.34
CA GLN B 190 -7.30 6.72 -14.89
C GLN B 190 -8.41 7.74 -15.14
N VAL B 191 -8.92 8.33 -14.07
CA VAL B 191 -9.99 9.31 -14.17
C VAL B 191 -9.82 10.48 -13.22
N GLU B 192 -10.64 11.50 -13.40
CA GLU B 192 -10.60 12.67 -12.53
C GLU B 192 -11.09 12.21 -11.17
N CYS B 193 -10.36 12.55 -10.11
CA CYS B 193 -10.79 12.17 -8.77
C CYS B 193 -10.14 13.03 -7.69
N HIS B 194 -10.98 13.62 -6.83
CA HIS B 194 -10.54 14.48 -5.76
C HIS B 194 -11.69 14.66 -4.76
N PRO B 195 -11.45 15.38 -3.64
CA PRO B 195 -12.50 15.59 -2.64
C PRO B 195 -13.80 16.20 -3.16
N TYR B 196 -13.74 16.96 -4.25
CA TYR B 196 -14.95 17.55 -4.81
C TYR B 196 -15.64 16.64 -5.81
N PHE B 197 -15.00 15.53 -6.15
CA PHE B 197 -15.55 14.55 -7.08
C PHE B 197 -14.77 13.26 -6.77
N ASN B 198 -15.17 12.60 -5.68
CA ASN B 198 -14.46 11.39 -5.24
C ASN B 198 -14.71 10.04 -5.91
N GLN B 199 -15.55 10.01 -6.95
CA GLN B 199 -15.79 8.76 -7.69
C GLN B 199 -16.13 7.53 -6.85
N ARG B 200 -16.71 7.74 -5.68
CA ARG B 200 -17.05 6.63 -4.81
C ARG B 200 -17.65 5.43 -5.54
N LYS B 201 -18.70 5.66 -6.33
CA LYS B 201 -19.35 4.58 -7.05
C LYS B 201 -18.46 3.84 -8.06
N LEU B 202 -17.80 4.60 -8.94
CA LEU B 202 -16.91 4.01 -9.95
C LEU B 202 -15.75 3.32 -9.23
N LEU B 203 -15.28 3.93 -8.15
CA LEU B 203 -14.18 3.36 -7.38
C LEU B 203 -14.58 1.99 -6.85
N ASP B 204 -15.77 1.89 -6.27
CA ASP B 204 -16.21 0.60 -5.76
C ASP B 204 -16.39 -0.43 -6.87
N PHE B 205 -16.85 0.02 -8.03
CA PHE B 205 -17.02 -0.92 -9.13
C PHE B 205 -15.64 -1.46 -9.53
N CYS B 206 -14.67 -0.56 -9.63
CA CYS B 206 -13.32 -0.96 -10.01
C CYS B 206 -12.75 -1.94 -9.00
N LYS B 207 -12.91 -1.65 -7.71
CA LYS B 207 -12.41 -2.54 -6.68
C LYS B 207 -13.01 -3.94 -6.84
N SER B 208 -14.31 -4.01 -7.15
CA SER B 208 -14.95 -5.32 -7.30
C SER B 208 -14.39 -6.14 -8.46
N LYS B 209 -13.71 -5.48 -9.40
CA LYS B 209 -13.12 -6.17 -10.55
C LYS B 209 -11.60 -6.13 -10.48
N ASP B 210 -11.08 -5.76 -9.33
CA ASP B 210 -9.64 -5.62 -9.11
C ASP B 210 -8.97 -4.74 -10.15
N ILE B 211 -9.61 -3.61 -10.46
CA ILE B 211 -9.07 -2.63 -11.39
C ILE B 211 -8.67 -1.44 -10.54
N VAL B 212 -7.44 -0.97 -10.69
CA VAL B 212 -6.96 0.16 -9.91
C VAL B 212 -7.46 1.48 -10.50
N LEU B 213 -8.03 2.31 -9.65
CA LEU B 213 -8.49 3.61 -10.14
C LEU B 213 -7.34 4.55 -9.90
N VAL B 214 -6.91 5.23 -10.96
CA VAL B 214 -5.81 6.18 -10.87
C VAL B 214 -6.42 7.57 -10.98
N ALA B 215 -6.13 8.41 -10.00
CA ALA B 215 -6.69 9.76 -9.96
C ALA B 215 -5.82 10.85 -10.55
N TYR B 216 -6.37 11.60 -11.50
CA TYR B 216 -5.65 12.72 -12.10
C TYR B 216 -6.40 13.97 -11.65
N SER B 217 -5.76 15.14 -11.77
CA SER B 217 -6.38 16.38 -11.32
C SER B 217 -6.80 16.21 -9.86
N ALA B 218 -6.01 15.39 -9.15
CA ALA B 218 -6.26 15.10 -7.73
C ALA B 218 -6.06 16.33 -6.86
N LEU B 219 -5.43 17.36 -7.43
CA LEU B 219 -5.19 18.59 -6.70
C LEU B 219 -6.01 19.76 -7.22
N GLY B 220 -7.06 19.46 -7.99
CA GLY B 220 -7.92 20.50 -8.52
C GLY B 220 -7.71 20.81 -9.99
N SER B 221 -6.78 20.08 -10.62
CA SER B 221 -6.45 20.24 -12.04
C SER B 221 -5.66 21.50 -12.34
N HIS B 222 -5.16 21.57 -13.58
CA HIS B 222 -4.36 22.69 -14.07
C HIS B 222 -5.19 23.96 -14.24
N ARG B 223 -6.51 23.83 -14.17
CA ARG B 223 -7.43 24.96 -14.31
C ARG B 223 -7.20 25.74 -15.61
N GLU B 224 -6.66 25.07 -16.62
CA GLU B 224 -6.39 25.70 -17.91
C GLU B 224 -7.67 25.89 -18.72
N GLU B 225 -7.73 27.00 -19.46
CA GLU B 225 -8.89 27.29 -20.29
C GLU B 225 -8.57 26.96 -21.74
N PRO B 226 -9.59 26.60 -22.53
CA PRO B 226 -11.00 26.49 -22.12
C PRO B 226 -11.36 25.12 -21.53
N TRP B 227 -10.36 24.38 -21.08
CA TRP B 227 -10.58 23.04 -20.51
C TRP B 227 -11.37 23.09 -19.21
N VAL B 228 -10.96 23.96 -18.30
CA VAL B 228 -11.62 24.09 -16.99
C VAL B 228 -12.32 25.44 -16.83
N ASP B 229 -13.55 25.39 -16.32
CA ASP B 229 -14.32 26.62 -16.10
C ASP B 229 -13.70 27.41 -14.94
N PRO B 230 -13.10 28.57 -15.26
CA PRO B 230 -12.46 29.45 -14.28
C PRO B 230 -13.33 29.80 -13.06
N ASN B 231 -14.64 29.64 -13.19
CA ASN B 231 -15.55 29.93 -12.10
C ASN B 231 -15.66 28.74 -11.15
N SER B 232 -14.87 27.70 -11.41
CA SER B 232 -14.89 26.50 -10.59
C SER B 232 -14.08 26.70 -9.30
N PRO B 233 -14.56 26.12 -8.18
CA PRO B 233 -13.89 26.23 -6.88
C PRO B 233 -12.44 25.78 -6.92
N VAL B 234 -11.60 26.43 -6.13
CA VAL B 234 -10.19 26.05 -6.08
C VAL B 234 -10.06 25.04 -4.93
N LEU B 235 -9.82 23.78 -5.29
CA LEU B 235 -9.71 22.70 -4.32
C LEU B 235 -8.81 23.02 -3.13
N LEU B 236 -7.55 23.35 -3.40
CA LEU B 236 -6.59 23.65 -2.34
C LEU B 236 -7.00 24.78 -1.40
N GLU B 237 -8.01 25.55 -1.77
CA GLU B 237 -8.48 26.65 -0.94
C GLU B 237 -9.66 26.24 -0.09
N ASP B 238 -9.99 24.95 -0.11
CA ASP B 238 -11.10 24.44 0.67
C ASP B 238 -10.79 24.56 2.16
N PRO B 239 -11.74 25.11 2.93
CA PRO B 239 -11.57 25.29 4.38
C PRO B 239 -11.19 24.00 5.12
N VAL B 240 -11.96 22.94 4.91
CA VAL B 240 -11.69 21.67 5.57
C VAL B 240 -10.27 21.17 5.30
N LEU B 241 -9.87 21.13 4.03
CA LEU B 241 -8.53 20.69 3.67
C LEU B 241 -7.48 21.58 4.32
N CYS B 242 -7.71 22.89 4.29
CA CYS B 242 -6.76 23.83 4.87
C CYS B 242 -6.70 23.67 6.39
N ALA B 243 -7.83 23.33 7.00
CA ALA B 243 -7.89 23.13 8.44
C ALA B 243 -7.08 21.88 8.79
N LEU B 244 -7.40 20.77 8.12
CA LEU B 244 -6.70 19.50 8.35
C LEU B 244 -5.21 19.70 8.09
N ALA B 245 -4.89 20.60 7.18
CA ALA B 245 -3.50 20.88 6.83
C ALA B 245 -2.74 21.50 8.00
N LYS B 246 -3.41 22.40 8.73
CA LYS B 246 -2.78 23.04 9.88
C LYS B 246 -2.62 22.01 11.00
N LYS B 247 -3.67 21.24 11.21
CA LYS B 247 -3.69 20.20 12.23
C LYS B 247 -2.52 19.23 12.09
N HIS B 248 -2.15 18.93 10.84
CA HIS B 248 -1.06 18.00 10.56
C HIS B 248 0.24 18.70 10.19
N LYS B 249 0.19 20.03 10.11
CA LYS B 249 1.36 20.82 9.74
C LYS B 249 1.91 20.38 8.38
N ARG B 250 1.00 20.20 7.43
CA ARG B 250 1.36 19.79 6.07
C ARG B 250 0.78 20.84 5.14
N THR B 251 0.10 20.40 4.08
CA THR B 251 -0.50 21.33 3.13
C THR B 251 -1.83 20.74 2.65
N PRO B 252 -2.71 21.58 2.08
CA PRO B 252 -4.00 21.07 1.60
C PRO B 252 -3.79 20.03 0.49
N ALA B 253 -2.71 20.21 -0.26
CA ALA B 253 -2.39 19.30 -1.35
C ALA B 253 -2.08 17.92 -0.78
N LEU B 254 -1.24 17.88 0.25
CA LEU B 254 -0.85 16.64 0.88
C LEU B 254 -2.05 15.91 1.49
N ILE B 255 -3.00 16.66 2.06
CA ILE B 255 -4.17 16.04 2.63
C ILE B 255 -4.97 15.39 1.50
N ALA B 256 -5.09 16.13 0.40
CA ALA B 256 -5.83 15.66 -0.77
C ALA B 256 -5.19 14.40 -1.37
N LEU B 257 -3.86 14.35 -1.37
CA LEU B 257 -3.16 13.19 -1.91
C LEU B 257 -3.26 12.00 -0.96
N ARG B 258 -3.05 12.24 0.34
CA ARG B 258 -3.10 11.16 1.32
C ARG B 258 -4.50 10.54 1.37
N TYR B 259 -5.51 11.37 1.14
CA TYR B 259 -6.90 10.93 1.14
C TYR B 259 -7.07 9.75 0.16
N GLN B 260 -6.57 9.94 -1.07
CA GLN B 260 -6.67 8.91 -2.09
C GLN B 260 -5.92 7.64 -1.71
N LEU B 261 -4.69 7.78 -1.25
CA LEU B 261 -3.89 6.63 -0.87
C LEU B 261 -4.57 5.74 0.16
N GLN B 262 -5.30 6.35 1.10
CA GLN B 262 -5.96 5.58 2.13
C GLN B 262 -7.31 4.98 1.72
N ARG B 263 -7.82 5.35 0.55
CA ARG B 263 -9.08 4.78 0.09
C ARG B 263 -8.84 3.78 -1.05
N GLY B 264 -7.57 3.42 -1.23
CA GLY B 264 -7.18 2.45 -2.25
C GLY B 264 -6.95 3.01 -3.65
N VAL B 265 -6.75 4.32 -3.74
CA VAL B 265 -6.56 4.97 -5.04
C VAL B 265 -5.10 5.34 -5.31
N VAL B 266 -4.64 5.11 -6.54
CA VAL B 266 -3.28 5.50 -6.92
C VAL B 266 -3.46 6.94 -7.39
N VAL B 267 -2.65 7.85 -6.86
CA VAL B 267 -2.78 9.25 -7.18
C VAL B 267 -1.62 9.91 -7.94
N LEU B 268 -1.99 10.75 -8.92
CA LEU B 268 -1.00 11.47 -9.71
C LEU B 268 -0.90 12.89 -9.15
N ALA B 269 0.27 13.49 -9.27
CA ALA B 269 0.49 14.84 -8.81
C ALA B 269 1.42 15.55 -9.79
N LYS B 270 0.93 16.62 -10.40
CA LYS B 270 1.75 17.37 -11.35
C LYS B 270 2.27 18.65 -10.74
N SER B 271 3.54 18.94 -10.99
CA SER B 271 4.19 20.16 -10.50
C SER B 271 5.52 20.39 -11.19
N TYR B 272 5.73 21.63 -11.63
CA TYR B 272 6.98 21.99 -12.28
C TYR B 272 7.80 22.82 -11.29
N ASN B 273 7.24 22.97 -10.09
CA ASN B 273 7.87 23.71 -9.00
C ASN B 273 8.80 22.77 -8.25
N GLU B 274 10.11 22.93 -8.47
CA GLU B 274 11.11 22.08 -7.82
C GLU B 274 10.85 21.82 -6.34
N GLN B 275 10.19 22.75 -5.67
CA GLN B 275 9.92 22.60 -4.25
C GLN B 275 8.58 21.92 -3.95
N ARG B 276 7.56 22.22 -4.74
CA ARG B 276 6.27 21.59 -4.55
C ARG B 276 6.36 20.14 -5.01
N ILE B 277 7.41 19.85 -5.77
CA ILE B 277 7.68 18.51 -6.27
C ILE B 277 8.22 17.67 -5.11
N ARG B 278 9.12 18.27 -4.34
CA ARG B 278 9.72 17.60 -3.19
C ARG B 278 8.67 17.41 -2.11
N GLN B 279 7.78 18.40 -1.99
CA GLN B 279 6.73 18.36 -0.98
C GLN B 279 5.73 17.22 -1.16
N ASN B 280 5.30 17.00 -2.39
CA ASN B 280 4.32 15.96 -2.68
C ASN B 280 4.70 14.56 -2.20
N VAL B 281 5.99 14.23 -2.23
CA VAL B 281 6.39 12.90 -1.78
C VAL B 281 6.26 12.77 -0.26
N GLN B 282 5.83 13.84 0.39
CA GLN B 282 5.65 13.82 1.85
C GLN B 282 4.36 13.08 2.19
N VAL B 283 3.63 12.66 1.16
CA VAL B 283 2.37 11.95 1.36
C VAL B 283 2.57 10.67 2.16
N PHE B 284 3.80 10.17 2.17
CA PHE B 284 4.15 8.95 2.88
C PHE B 284 4.64 9.16 4.32
N GLU B 285 4.65 10.41 4.76
N GLU B 285 4.67 10.41 4.78
CA GLU B 285 5.15 10.74 6.11
CA GLU B 285 5.15 10.69 6.13
C GLU B 285 4.09 10.82 7.20
C GLU B 285 4.08 10.78 7.22
N PHE B 286 2.82 10.77 6.82
CA PHE B 286 1.74 10.84 7.80
C PHE B 286 0.53 10.02 7.39
N GLN B 287 -0.50 10.03 8.24
CA GLN B 287 -1.72 9.29 7.98
C GLN B 287 -2.92 10.08 8.49
N LEU B 288 -4.10 9.76 7.97
CA LEU B 288 -5.35 10.41 8.36
C LEU B 288 -6.18 9.40 9.14
N THR B 289 -6.90 9.88 10.15
CA THR B 289 -7.73 9.01 10.97
C THR B 289 -9.05 8.75 10.24
N SER B 290 -9.81 7.78 10.73
CA SER B 290 -11.09 7.45 10.10
C SER B 290 -12.04 8.65 10.08
N GLU B 291 -11.98 9.49 11.11
CA GLU B 291 -12.85 10.66 11.16
C GLU B 291 -12.42 11.76 10.21
N GLU B 292 -11.11 11.87 9.95
CA GLU B 292 -10.62 12.89 9.02
C GLU B 292 -10.98 12.48 7.60
N MET B 293 -10.99 11.16 7.35
CA MET B 293 -11.34 10.63 6.04
C MET B 293 -12.82 10.86 5.80
N LYS B 294 -13.61 10.71 6.85
CA LYS B 294 -15.06 10.92 6.76
C LYS B 294 -15.31 12.40 6.50
N ALA B 295 -14.44 13.25 7.05
CA ALA B 295 -14.58 14.69 6.86
C ALA B 295 -14.31 15.02 5.40
N ILE B 296 -13.30 14.40 4.82
CA ILE B 296 -12.97 14.66 3.43
C ILE B 296 -14.06 14.09 2.51
N ASP B 297 -14.62 12.94 2.89
CA ASP B 297 -15.70 12.33 2.10
C ASP B 297 -16.87 13.31 1.97
N GLY B 298 -17.10 14.07 3.03
CA GLY B 298 -18.20 15.02 3.03
C GLY B 298 -18.04 16.21 2.10
N LEU B 299 -16.83 16.42 1.58
CA LEU B 299 -16.57 17.54 0.68
C LEU B 299 -17.01 17.30 -0.76
N ASN B 300 -17.48 16.10 -1.06
CA ASN B 300 -17.88 15.76 -2.42
C ASN B 300 -18.95 16.68 -3.01
N ARG B 301 -18.55 17.51 -3.97
CA ARG B 301 -19.44 18.44 -4.64
C ARG B 301 -20.09 17.75 -5.83
N ASN B 302 -19.51 16.63 -6.23
CA ASN B 302 -20.01 15.86 -7.35
C ASN B 302 -19.97 16.70 -8.63
N VAL B 303 -19.06 17.67 -8.68
CA VAL B 303 -18.91 18.51 -9.86
C VAL B 303 -17.57 18.22 -10.51
N ARG B 304 -17.66 17.91 -11.81
CA ARG B 304 -16.51 17.57 -12.63
C ARG B 304 -15.77 18.79 -13.19
N TYR B 305 -14.45 18.84 -13.02
CA TYR B 305 -13.66 19.96 -13.54
C TYR B 305 -13.45 19.81 -15.05
N LEU B 306 -13.06 18.61 -15.47
CA LEU B 306 -12.80 18.34 -16.88
C LEU B 306 -13.91 17.52 -17.53
N THR B 307 -14.82 18.20 -18.21
CA THR B 307 -15.92 17.54 -18.87
C THR B 307 -15.60 17.20 -20.31
N LEU B 308 -14.60 17.89 -20.87
CA LEU B 308 -14.20 17.68 -22.26
C LEU B 308 -15.45 17.61 -23.13
N ASP B 309 -16.38 18.54 -22.89
CA ASP B 309 -17.63 18.56 -23.63
C ASP B 309 -17.52 18.77 -25.14
N ILE B 310 -16.35 19.18 -25.62
CA ILE B 310 -16.20 19.36 -27.06
C ILE B 310 -16.31 17.99 -27.73
N PHE B 311 -16.13 16.93 -26.93
CA PHE B 311 -16.21 15.56 -27.44
C PHE B 311 -17.58 14.95 -27.22
N ALA B 312 -18.53 15.75 -26.74
CA ALA B 312 -19.89 15.28 -26.48
C ALA B 312 -20.60 14.96 -27.79
N GLY B 313 -21.55 14.04 -27.74
CA GLY B 313 -22.29 13.67 -28.93
C GLY B 313 -22.19 12.18 -29.28
N PRO B 314 -20.97 11.67 -29.47
CA PRO B 314 -20.78 10.25 -29.80
C PRO B 314 -21.30 9.30 -28.72
N PRO B 315 -21.68 8.08 -29.12
CA PRO B 315 -22.19 7.08 -28.19
C PRO B 315 -21.26 6.84 -27.00
N ASN B 316 -19.95 6.96 -27.25
CA ASN B 316 -18.98 6.72 -26.18
C ASN B 316 -18.58 7.88 -25.29
N TYR B 317 -19.23 9.04 -25.41
CA TYR B 317 -18.89 10.14 -24.52
C TYR B 317 -19.14 9.50 -23.14
N PRO B 318 -18.14 9.52 -22.26
CA PRO B 318 -18.22 8.91 -20.92
C PRO B 318 -18.91 9.61 -19.74
N PHE B 319 -18.98 10.93 -19.76
CA PHE B 319 -19.55 11.63 -18.60
C PHE B 319 -21.04 11.95 -18.56
N SER B 320 -21.83 11.26 -19.37
CA SER B 320 -23.27 11.49 -19.36
C SER B 320 -23.96 10.59 -18.36
N ASP B 321 -23.43 9.39 -18.17
CA ASP B 321 -24.00 8.44 -17.22
C ASP B 321 -23.67 8.82 -15.78
N GLU B 322 -24.46 8.31 -14.84
CA GLU B 322 -24.23 8.59 -13.43
C GLU B 322 -22.78 8.23 -13.10
N TYR B 323 -22.34 7.07 -13.56
CA TYR B 323 -20.95 6.63 -13.35
C TYR B 323 -20.58 5.53 -14.34
S SO4 C . 13.82 -26.10 0.03
O1 SO4 C . 13.86 -27.11 -1.12
O2 SO4 C . 15.26 -25.83 0.45
O3 SO4 C . 13.31 -24.89 -0.50
O4 SO4 C . 13.24 -26.80 1.12
PA NDP D . -3.27 -16.63 12.95
O1A NDP D . -4.37 -16.04 13.76
O2A NDP D . -2.67 -15.86 11.85
O5B NDP D . -3.76 -18.06 12.37
C5B NDP D . -4.64 -18.93 13.12
C4B NDP D . -4.81 -20.25 12.33
O4B NDP D . -5.22 -19.96 10.98
C3B NDP D . -3.54 -21.11 12.16
O3B NDP D . -3.48 -22.08 13.19
C2B NDP D . -3.67 -21.69 10.72
O2B NDP D . -3.68 -23.11 10.66
C1B NDP D . -4.97 -21.11 10.19
N9A NDP D . -4.96 -20.66 8.79
C8A NDP D . -3.92 -20.02 8.11
N7A NDP D . -4.19 -19.73 6.86
C5A NDP D . -5.46 -20.19 6.69
C6A NDP D . -6.35 -20.18 5.55
N6A NDP D . -5.98 -19.66 4.37
N1A NDP D . -7.61 -20.74 5.71
C2A NDP D . -8.00 -21.29 6.92
N3A NDP D . -7.22 -21.34 8.06
C4A NDP D . -5.96 -20.77 7.87
O3 NDP D . -2.10 -17.09 13.95
PN NDP D . -1.65 -16.95 15.45
O1N NDP D . -2.34 -16.07 16.41
O2N NDP D . -0.23 -17.45 15.65
O5D NDP D . -0.98 -15.52 15.01
C5D NDP D . -0.12 -15.26 13.86
C4D NDP D . 1.25 -14.75 14.27
O4D NDP D . 1.12 -13.57 15.11
C3D NDP D . 2.13 -15.69 15.11
O3D NDP D . 2.65 -16.82 14.43
C2D NDP D . 3.14 -14.70 15.69
O2D NDP D . 4.22 -14.50 14.79
C1D NDP D . 2.25 -13.48 15.96
N1N NDP D . 1.79 -13.37 17.40
C2N NDP D . 2.33 -12.30 18.13
C3N NDP D . 1.98 -12.10 19.49
C7N NDP D . 2.57 -10.95 20.28
O7N NDP D . 2.25 -10.79 21.45
N7N NDP D . 3.43 -10.12 19.64
C4N NDP D . 1.05 -13.01 20.12
C5N NDP D . 0.49 -14.10 19.37
C6N NDP D . 0.85 -14.29 18.03
P2B NDP D . -2.58 -23.97 9.83
O1X NDP D . -1.22 -23.59 10.37
O2X NDP D . -3.03 -25.39 10.09
O3X NDP D . -2.76 -23.57 8.39
C1 EDO E . 0.44 -16.28 22.57
O1 EDO E . 0.16 -17.55 22.88
C2 EDO E . 1.96 -16.10 22.47
O2 EDO E . 2.31 -16.26 21.32
C1 EDO F . 10.55 -5.30 42.54
O1 EDO F . 10.26 -6.61 42.49
C2 EDO F . 12.04 -5.11 42.27
O2 EDO F . 12.25 -5.13 41.07
C1 EDO G . 4.66 -8.56 0.66
O1 EDO G . 3.94 -7.69 1.39
C2 EDO G . 4.54 -9.95 1.29
O2 EDO G . 5.30 -10.05 2.24
S SO4 H . -10.59 6.38 -44.68
O1 SO4 H . -11.02 5.69 -46.11
O2 SO4 H . -9.17 6.22 -44.61
O3 SO4 H . -10.99 7.66 -44.57
O4 SO4 H . -11.15 5.46 -43.77
S SO4 I . 5.00 30.36 -7.56
O1 SO4 I . 4.89 29.45 -8.78
O2 SO4 I . 6.42 30.22 -7.03
O3 SO4 I . 4.85 31.70 -8.04
O4 SO4 I . 4.17 29.78 -6.57
S SO4 J . 10.56 -5.68 -27.14
O1 SO4 J . 9.15 -5.52 -27.70
O2 SO4 J . 11.53 -5.40 -28.30
O3 SO4 J . 10.75 -4.66 -26.19
O4 SO4 J . 10.71 -7.07 -26.89
PA NDP K . -2.90 18.48 -10.67
O1A NDP K . -4.37 18.36 -10.46
O2A NDP K . -1.96 17.66 -9.86
O5B NDP K . -2.53 20.03 -10.56
C5B NDP K . -2.20 20.59 -9.29
C4B NDP K . -1.62 21.99 -9.48
O4B NDP K . -1.23 22.47 -8.16
C3B NDP K . -0.38 22.09 -10.38
O3B NDP K . -0.64 22.92 -11.48
C2B NDP K . 0.75 22.59 -9.46
O2B NDP K . 1.35 23.80 -9.87
C1B NDP K . 0.15 22.77 -8.10
N9A NDP K . 0.72 21.93 -7.03
C8A NDP K . 1.34 20.69 -7.16
N7A NDP K . 1.76 20.19 -6.01
C5A NDP K . 1.39 21.12 -5.09
C6A NDP K . 1.55 21.21 -3.67
N6A NDP K . 2.15 20.22 -2.98
N1A NDP K . 1.06 22.33 -3.02
C2A NDP K . 0.44 23.34 -3.72
N3A NDP K . 0.24 23.36 -5.08
C4A NDP K . 0.74 22.22 -5.71
O3 NDP K . -2.59 18.22 -12.21
PN NDP K . -3.30 18.28 -13.59
O1N NDP K . -4.74 18.02 -13.73
O2N NDP K . -2.32 18.17 -14.72
O5D NDP K . -3.26 16.65 -13.50
C5D NDP K . -2.14 15.81 -13.11
C4D NDP K . -1.74 14.85 -14.20
O4D NDP K . -2.88 14.02 -14.60
C3D NDP K . -1.28 15.46 -15.54
O3D NDP K . -0.01 16.08 -15.53
C2D NDP K . -1.44 14.27 -16.48
O2D NDP K . -0.27 13.46 -16.42
C1D NDP K . -2.73 13.61 -15.94
N1N NDP K . -4.00 13.98 -16.69
C2N NDP K . -4.65 12.91 -17.32
C3N NDP K . -5.84 13.13 -18.06
C7N NDP K . -6.55 11.99 -18.74
O7N NDP K . -7.59 12.21 -19.37
N7N NDP K . -6.01 10.76 -18.63
C4N NDP K . -6.38 14.48 -18.15
C5N NDP K . -5.72 15.57 -17.49
C6N NDP K . -4.53 15.32 -16.77
P2B NDP K . 2.90 23.90 -10.28
O1X NDP K . 3.13 22.95 -11.42
O2X NDP K . 3.03 25.37 -10.61
O3X NDP K . 3.67 23.51 -9.05
C1 EDO L . -4.45 -5.36 -34.11
O1 EDO L . -5.52 -6.11 -33.76
C2 EDO L . -4.01 -5.73 -35.53
O2 EDO L . -3.34 -6.76 -35.51
C1 EDO M . 6.32 5.76 -4.88
O1 EDO M . 5.03 5.38 -4.93
C2 EDO M . 6.50 7.10 -5.58
O2 EDO M . 6.45 6.94 -6.80
C1 EDO N . -6.88 18.44 -20.82
O1 EDO N . -7.31 18.43 -19.55
C2 EDO N . -5.37 18.23 -20.86
O2 EDO N . -5.11 17.06 -20.60
#